data_4JXV
#
_entry.id   4JXV
#
_cell.length_a   118.656
_cell.length_b   77.162
_cell.length_c   97.651
_cell.angle_alpha   90.00
_cell.angle_beta   115.36
_cell.angle_gamma   90.00
#
_symmetry.space_group_name_H-M   'C 1 2 1'
#
loop_
_entity.id
_entity.type
_entity.pdbx_description
1 polymer Beta-lactamase
2 non-polymer '3-{[2-(4-carboxyphenyl)ethyl]sulfamoyl}thiophene-2-carboxylic acid'
3 non-polymer 'PHOSPHATE ION'
4 water water
#
_entity_poly.entity_id   1
_entity_poly.type   'polypeptide(L)'
_entity_poly.pdbx_seq_one_letter_code
;APQQINDIVHRTITPLIEQQKIPGMAVAVIYQGKPYYFTWGYADIAKKQPVTQQTLFELGSVSKTFTGVLGGDAIARGEI
KLSDPTTKYWPELTAKQWNGITLLHLATYTAGGLPLQVPDEVKSSSDLLRFYQNWQPAWAPGTQRLYANSSIGLFGALAV
KPSGLSFEQAMQTRVFQPLKLNHTWINVPPAEEKNYAWGYREGKAVHVSPGALDAEAYGVKSTIEDMARWVQSNLKPLDI
NEKTLQQGIQLAQSRYWQTGDMYQGLGWEMLDWPVNPDSIINGSDNKIALAARPVKAITPPTPAVRASWVHKTGATGGFG
SYVAFIPEKELGIVMLANKNYPNPARVDAAWQILNALQ
;
_entity_poly.pdbx_strand_id   A,B
#
loop_
_chem_comp.id
_chem_comp.type
_chem_comp.name
_chem_comp.formula
1MU non-polymer '3-{[2-(4-carboxyphenyl)ethyl]sulfamoyl}thiophene-2-carboxylic acid' 'C14 H13 N O6 S2'
PO4 non-polymer 'PHOSPHATE ION' 'O4 P -3'
#
# COMPACT_ATOMS: atom_id res chain seq x y z
N ALA A 1 -18.03 30.09 -10.69
CA ALA A 1 -17.83 29.82 -12.14
C ALA A 1 -16.83 30.85 -12.79
N PRO A 2 -15.51 30.62 -12.62
CA PRO A 2 -14.53 31.51 -13.31
C PRO A 2 -14.72 31.36 -14.84
N GLN A 3 -14.69 32.50 -15.55
CA GLN A 3 -14.92 32.54 -16.99
C GLN A 3 -14.10 31.53 -17.78
N GLN A 4 -12.88 31.22 -17.34
CA GLN A 4 -12.08 30.30 -18.10
C GLN A 4 -12.65 28.89 -18.11
N ILE A 5 -13.19 28.46 -16.97
CA ILE A 5 -13.76 27.11 -16.89
C ILE A 5 -15.05 27.16 -17.69
N ASN A 6 -15.85 28.21 -17.46
CA ASN A 6 -17.08 28.39 -18.22
C ASN A 6 -16.83 28.27 -19.72
N ASP A 7 -15.89 29.05 -20.22
CA ASP A 7 -15.51 29.02 -21.63
C ASP A 7 -14.98 27.67 -22.15
N ILE A 8 -13.99 27.04 -21.49
CA ILE A 8 -13.58 25.73 -22.03
C ILE A 8 -14.65 24.70 -21.96
N VAL A 9 -15.45 24.70 -20.88
CA VAL A 9 -16.53 23.71 -20.78
C VAL A 9 -17.59 23.94 -21.88
N HIS A 10 -18.12 25.15 -22.01
CA HIS A 10 -19.16 25.35 -23.06
C HIS A 10 -18.58 25.12 -24.46
N ARG A 11 -17.38 25.65 -24.72
CA ARG A 11 -16.73 25.49 -26.04
C ARG A 11 -16.49 24.02 -26.42
N THR A 12 -16.31 23.14 -25.42
CA THR A 12 -16.08 21.75 -25.69
C THR A 12 -17.39 20.92 -25.73
N ILE A 13 -18.26 21.10 -24.74
CA ILE A 13 -19.42 20.25 -24.59
C ILE A 13 -20.53 20.64 -25.59
N THR A 14 -20.64 21.93 -25.96
CA THR A 14 -21.74 22.32 -26.86
C THR A 14 -21.63 21.54 -28.16
N PRO A 15 -20.46 21.61 -28.85
CA PRO A 15 -20.34 20.83 -30.08
C PRO A 15 -20.44 19.30 -29.80
N LEU A 16 -19.93 18.82 -28.65
CA LEU A 16 -20.08 17.39 -28.31
C LEU A 16 -21.55 16.98 -28.34
N ILE A 17 -22.44 17.81 -27.78
CA ILE A 17 -23.86 17.40 -27.64
C ILE A 17 -24.51 17.41 -29.02
N GLU A 18 -24.06 18.33 -29.87
CA GLU A 18 -24.62 18.52 -31.23
C GLU A 18 -24.19 17.34 -32.10
N GLN A 19 -22.90 17.00 -32.07
CA GLN A 19 -22.40 15.97 -32.94
C GLN A 19 -22.94 14.60 -32.53
N GLN A 20 -23.12 14.42 -31.21
CA GLN A 20 -23.43 13.08 -30.69
C GLN A 20 -24.98 12.97 -30.45
N LYS A 21 -25.72 14.08 -30.61
CA LYS A 21 -27.17 14.14 -30.42
C LYS A 21 -27.54 13.66 -29.00
N ILE A 22 -26.80 14.15 -28.01
CA ILE A 22 -27.03 13.75 -26.61
C ILE A 22 -28.27 14.50 -26.08
N PRO A 23 -29.26 13.77 -25.49
CA PRO A 23 -30.49 14.45 -25.10
C PRO A 23 -30.29 15.30 -23.85
N GLY A 24 -29.40 14.87 -22.95
CA GLY A 24 -29.24 15.50 -21.66
C GLY A 24 -27.84 15.26 -21.15
N MET A 25 -27.24 16.25 -20.51
CA MET A 25 -25.89 16.06 -19.99
C MET A 25 -25.63 16.87 -18.74
N ALA A 26 -24.83 16.33 -17.82
CA ALA A 26 -24.36 17.14 -16.67
C ALA A 26 -22.84 16.95 -16.64
N VAL A 27 -22.14 18.03 -16.29
CA VAL A 27 -20.68 17.99 -16.21
C VAL A 27 -20.32 18.66 -14.91
N ALA A 28 -19.30 18.09 -14.23
CA ALA A 28 -18.69 18.76 -13.10
C ALA A 28 -17.22 18.85 -13.45
N VAL A 29 -16.63 20.02 -13.25
CA VAL A 29 -15.17 20.18 -13.26
C VAL A 29 -14.76 20.44 -11.82
N ILE A 30 -13.73 19.72 -11.31
CA ILE A 30 -13.09 19.96 -9.99
C ILE A 30 -11.84 20.71 -10.32
N TYR A 31 -11.71 21.93 -9.80
CA TYR A 31 -10.57 22.79 -10.16
C TYR A 31 -10.05 23.32 -8.87
N GLN A 32 -8.77 23.11 -8.61
CA GLN A 32 -8.17 23.43 -7.30
C GLN A 32 -9.10 22.89 -6.17
N GLY A 33 -9.56 21.66 -6.36
CA GLY A 33 -10.41 20.97 -5.38
C GLY A 33 -11.87 21.39 -5.23
N LYS A 34 -12.28 22.52 -5.84
CA LYS A 34 -13.69 23.01 -5.81
C LYS A 34 -14.49 22.53 -7.06
N PRO A 35 -15.77 22.11 -6.89
CA PRO A 35 -16.62 21.69 -8.03
C PRO A 35 -17.38 22.84 -8.68
N TYR A 36 -17.51 22.74 -10.00
CA TYR A 36 -18.26 23.68 -10.81
C TYR A 36 -19.14 22.88 -11.72
N TYR A 37 -20.45 23.23 -11.75
CA TYR A 37 -21.41 22.35 -12.37
C TYR A 37 -22.03 22.95 -13.58
N PHE A 38 -22.36 22.10 -14.54
CA PHE A 38 -23.02 22.56 -15.80
C PHE A 38 -24.07 21.53 -16.20
N THR A 39 -25.19 21.97 -16.75
CA THR A 39 -26.12 21.01 -17.27
C THR A 39 -26.78 21.52 -18.56
N TRP A 40 -27.27 20.58 -19.33
CA TRP A 40 -27.88 20.83 -20.65
C TRP A 40 -29.01 19.86 -20.88
N GLY A 41 -30.07 20.30 -21.55
CA GLY A 41 -30.99 19.36 -22.16
C GLY A 41 -31.90 18.63 -21.18
N TYR A 42 -32.28 17.39 -21.54
CA TYR A 42 -33.45 16.76 -20.92
C TYR A 42 -33.14 15.45 -20.26
N ALA A 43 -33.60 15.34 -19.02
CA ALA A 43 -33.59 14.09 -18.27
C ALA A 43 -34.69 13.19 -18.86
N ASP A 44 -35.79 13.76 -19.31
CA ASP A 44 -36.94 12.96 -19.78
C ASP A 44 -37.55 13.81 -20.87
N ILE A 45 -37.42 13.35 -22.09
CA ILE A 45 -37.81 14.16 -23.25
C ILE A 45 -39.31 14.26 -23.28
N ALA A 46 -39.98 13.12 -23.14
CA ALA A 46 -41.47 13.11 -23.22
C ALA A 46 -42.10 14.09 -22.21
N LYS A 47 -41.62 14.06 -20.96
CA LYS A 47 -42.19 14.84 -19.87
C LYS A 47 -41.57 16.23 -19.77
N LYS A 48 -40.64 16.56 -20.69
CA LYS A 48 -39.96 17.87 -20.69
C LYS A 48 -39.21 18.21 -19.38
N GLN A 49 -38.70 17.21 -18.72
CA GLN A 49 -37.96 17.46 -17.50
C GLN A 49 -36.47 17.70 -17.80
N PRO A 50 -35.93 18.86 -17.33
CA PRO A 50 -34.54 19.23 -17.65
C PRO A 50 -33.52 18.42 -16.83
N VAL A 51 -32.30 18.32 -17.33
CA VAL A 51 -31.20 17.88 -16.51
C VAL A 51 -30.90 18.97 -15.46
N THR A 52 -30.72 18.54 -14.18
CA THR A 52 -30.42 19.52 -13.12
C THR A 52 -29.29 18.85 -12.35
N GLN A 53 -28.87 19.50 -11.27
CA GLN A 53 -27.70 18.97 -10.50
C GLN A 53 -28.23 17.81 -9.63
N GLN A 54 -29.55 17.58 -9.63
CA GLN A 54 -30.16 16.52 -8.82
C GLN A 54 -30.57 15.33 -9.70
N THR A 55 -30.34 15.40 -11.01
CA THR A 55 -30.72 14.30 -11.90
C THR A 55 -29.83 13.08 -11.62
N LEU A 56 -30.42 11.90 -11.54
CA LEU A 56 -29.70 10.64 -11.44
C LEU A 56 -29.45 10.11 -12.83
N PHE A 57 -28.21 9.68 -13.07
CA PHE A 57 -27.82 9.03 -14.34
C PHE A 57 -27.32 7.64 -14.03
N GLU A 58 -27.51 6.71 -14.95
CA GLU A 58 -26.90 5.41 -14.70
C GLU A 58 -25.41 5.49 -14.99
N LEU A 59 -24.58 5.02 -14.04
CA LEU A 59 -23.13 5.18 -14.19
C LEU A 59 -22.54 4.05 -15.01
N GLY A 60 -23.29 2.95 -15.12
CA GLY A 60 -22.73 1.79 -15.82
C GLY A 60 -21.41 1.37 -15.21
N SER A 61 -20.43 1.06 -16.06
CA SER A 61 -19.12 0.55 -15.49
C SER A 61 -18.34 1.51 -14.63
N VAL A 62 -18.70 2.79 -14.58
CA VAL A 62 -18.14 3.65 -13.54
C VAL A 62 -18.44 3.11 -12.13
N SER A 63 -19.51 2.31 -12.00
CA SER A 63 -19.84 1.62 -10.74
C SER A 63 -18.63 0.77 -10.28
N LYS A 64 -17.89 0.21 -11.22
CA LYS A 64 -16.71 -0.57 -10.84
C LYS A 64 -15.68 0.18 -9.99
N THR A 65 -15.64 1.53 -10.07
CA THR A 65 -14.80 2.32 -9.14
C THR A 65 -15.28 2.23 -7.72
N PHE A 66 -16.58 2.16 -7.52
CA PHE A 66 -17.10 2.02 -6.16
C PHE A 66 -16.81 0.61 -5.64
N THR A 67 -16.92 -0.40 -6.51
CA THR A 67 -16.66 -1.80 -6.14
C THR A 67 -15.19 -1.96 -5.81
N GLY A 68 -14.35 -1.31 -6.58
CA GLY A 68 -12.91 -1.46 -6.28
C GLY A 68 -12.55 -0.82 -4.97
N VAL A 69 -13.14 0.34 -4.65
CA VAL A 69 -12.87 1.04 -3.40
C VAL A 69 -13.47 0.26 -2.21
N LEU A 70 -14.67 -0.26 -2.40
CA LEU A 70 -15.26 -1.09 -1.33
C LEU A 70 -14.38 -2.31 -1.04
N GLY A 71 -13.84 -2.93 -2.11
CA GLY A 71 -12.94 -4.07 -1.96
C GLY A 71 -11.68 -3.60 -1.21
N GLY A 72 -11.16 -2.40 -1.58
CA GLY A 72 -9.95 -1.81 -0.98
C GLY A 72 -10.22 -1.65 0.53
N ASP A 73 -11.44 -1.23 0.89
CA ASP A 73 -11.79 -0.96 2.27
C ASP A 73 -11.83 -2.29 3.08
N ALA A 74 -12.35 -3.34 2.45
CA ALA A 74 -12.35 -4.71 3.04
C ALA A 74 -10.93 -5.23 3.28
N ILE A 75 -10.01 -4.98 2.34
CA ILE A 75 -8.60 -5.37 2.58
C ILE A 75 -8.07 -4.61 3.78
N ALA A 76 -8.24 -3.28 3.77
CA ALA A 76 -7.74 -2.43 4.84
C ALA A 76 -8.38 -2.82 6.20
N ARG A 77 -9.64 -3.24 6.21
CA ARG A 77 -10.26 -3.85 7.42
C ARG A 77 -9.66 -5.18 7.92
N GLY A 78 -8.77 -5.78 7.14
CA GLY A 78 -8.24 -7.16 7.32
C GLY A 78 -9.27 -8.27 7.10
N GLU A 79 -10.34 -7.98 6.36
CA GLU A 79 -11.42 -8.95 6.06
C GLU A 79 -11.05 -9.90 4.94
N ILE A 80 -10.36 -9.37 3.93
CA ILE A 80 -9.90 -10.20 2.81
C ILE A 80 -8.46 -9.82 2.46
N LYS A 81 -7.81 -10.62 1.61
CA LYS A 81 -6.49 -10.21 1.05
C LYS A 81 -6.58 -10.45 -0.42
N LEU A 82 -5.94 -9.60 -1.23
CA LEU A 82 -5.98 -9.83 -2.63
C LEU A 82 -5.23 -11.08 -3.00
N SER A 83 -4.28 -11.51 -2.15
CA SER A 83 -3.55 -12.70 -2.46
C SER A 83 -4.39 -13.95 -2.08
N ASP A 84 -5.51 -13.78 -1.40
CA ASP A 84 -6.36 -15.00 -1.10
C ASP A 84 -6.86 -15.75 -2.37
N PRO A 85 -6.89 -17.09 -2.34
CA PRO A 85 -7.61 -17.82 -3.40
C PRO A 85 -9.10 -17.52 -3.41
N THR A 86 -9.70 -17.52 -4.60
CA THR A 86 -11.14 -17.28 -4.71
C THR A 86 -11.91 -18.27 -3.85
N THR A 87 -11.47 -19.51 -3.85
CA THR A 87 -12.09 -20.58 -3.06
C THR A 87 -12.14 -20.32 -1.54
N LYS A 88 -11.25 -19.46 -1.03
CA LYS A 88 -11.28 -19.19 0.39
C LYS A 88 -12.62 -18.63 0.78
N TYR A 89 -13.25 -17.86 -0.12
CA TYR A 89 -14.55 -17.17 0.12
C TYR A 89 -15.73 -17.85 -0.55
N TRP A 90 -15.46 -18.87 -1.36
CA TRP A 90 -16.49 -19.65 -2.03
C TRP A 90 -16.04 -21.08 -2.19
N PRO A 91 -16.03 -21.82 -1.07
CA PRO A 91 -15.50 -23.17 -1.05
C PRO A 91 -16.32 -24.10 -1.93
N GLU A 92 -17.54 -23.70 -2.29
CA GLU A 92 -18.34 -24.52 -3.22
C GLU A 92 -17.81 -24.48 -4.65
N LEU A 93 -16.93 -23.53 -4.94
CA LEU A 93 -16.23 -23.50 -6.20
C LEU A 93 -15.09 -24.52 -6.19
N THR A 94 -15.42 -25.78 -6.40
CA THR A 94 -14.49 -26.90 -6.37
C THR A 94 -13.81 -27.29 -7.72
N ALA A 95 -14.26 -26.75 -8.86
CA ALA A 95 -13.69 -27.16 -10.15
C ALA A 95 -12.23 -26.70 -10.20
N LYS A 96 -11.35 -27.55 -10.72
CA LYS A 96 -9.92 -27.38 -10.47
C LYS A 96 -9.31 -26.24 -11.33
N GLN A 97 -10.04 -25.72 -12.33
CA GLN A 97 -9.55 -24.53 -13.00
C GLN A 97 -9.41 -23.33 -12.05
N TRP A 98 -10.05 -23.39 -10.86
CA TRP A 98 -10.01 -22.27 -9.91
C TRP A 98 -8.74 -22.21 -9.04
N ASN A 99 -8.01 -23.30 -9.02
CA ASN A 99 -6.75 -23.39 -8.23
C ASN A 99 -5.80 -22.38 -8.76
N GLY A 100 -5.44 -21.42 -7.95
CA GLY A 100 -4.44 -20.46 -8.43
C GLY A 100 -5.10 -19.16 -8.86
N ILE A 101 -6.45 -19.12 -8.91
CA ILE A 101 -7.12 -17.87 -9.26
C ILE A 101 -7.45 -17.13 -7.95
N THR A 102 -6.82 -15.94 -7.74
CA THR A 102 -6.99 -15.13 -6.53
C THR A 102 -7.98 -13.97 -6.67
N LEU A 103 -8.26 -13.33 -5.54
CA LEU A 103 -9.13 -12.16 -5.57
C LEU A 103 -8.51 -11.07 -6.39
N LEU A 104 -7.18 -10.99 -6.37
CA LEU A 104 -6.51 -10.04 -7.29
C LEU A 104 -6.92 -10.25 -8.74
N HIS A 105 -6.86 -11.50 -9.20
CA HIS A 105 -7.16 -11.80 -10.59
C HIS A 105 -8.57 -11.41 -10.88
N LEU A 106 -9.49 -11.68 -9.93
CA LEU A 106 -10.92 -11.33 -10.23
C LEU A 106 -11.07 -9.80 -10.32
N ALA A 107 -10.43 -9.04 -9.39
CA ALA A 107 -10.56 -7.56 -9.30
C ALA A 107 -9.97 -6.89 -10.53
N THR A 108 -9.04 -7.57 -11.20
CA THR A 108 -8.26 -6.87 -12.27
C THR A 108 -8.44 -7.49 -13.64
N TYR A 109 -9.42 -8.43 -13.75
CA TYR A 109 -9.78 -9.04 -15.04
C TYR A 109 -8.66 -9.95 -15.58
N THR A 110 -7.82 -10.53 -14.68
CA THR A 110 -6.72 -11.33 -15.13
C THR A 110 -6.85 -12.81 -14.70
N ALA A 111 -8.08 -13.26 -14.39
CA ALA A 111 -8.33 -14.68 -14.01
C ALA A 111 -8.06 -15.73 -15.11
N GLY A 112 -8.14 -15.33 -16.40
CA GLY A 112 -7.81 -16.21 -17.50
C GLY A 112 -8.90 -16.25 -18.52
N GLY A 113 -9.60 -15.13 -18.70
CA GLY A 113 -10.64 -15.10 -19.70
C GLY A 113 -12.08 -15.22 -19.24
N LEU A 114 -12.40 -14.75 -18.03
CA LEU A 114 -13.80 -14.74 -17.61
C LEU A 114 -14.54 -13.85 -18.61
N PRO A 115 -15.75 -14.21 -18.93
CA PRO A 115 -16.41 -13.45 -20.03
C PRO A 115 -16.93 -12.06 -19.67
N LEU A 116 -17.05 -11.16 -20.65
CA LEU A 116 -17.50 -9.81 -20.44
C LEU A 116 -18.82 -9.78 -19.66
N GLN A 117 -19.79 -10.55 -20.09
CA GLN A 117 -21.06 -10.55 -19.36
C GLN A 117 -21.43 -11.95 -18.81
N VAL A 118 -22.11 -11.90 -17.66
CA VAL A 118 -22.69 -13.06 -17.09
C VAL A 118 -23.88 -13.32 -17.99
N PRO A 119 -24.10 -14.59 -18.41
CA PRO A 119 -25.20 -14.88 -19.36
C PRO A 119 -26.57 -14.46 -18.76
N ASP A 120 -27.50 -13.93 -19.56
CA ASP A 120 -28.86 -13.62 -19.06
C ASP A 120 -29.57 -14.78 -18.29
N GLU A 121 -29.29 -16.01 -18.70
CA GLU A 121 -29.86 -17.26 -18.12
C GLU A 121 -29.56 -17.41 -16.64
N VAL A 122 -28.45 -16.80 -16.21
CA VAL A 122 -27.98 -16.90 -14.83
C VAL A 122 -28.68 -15.91 -13.88
N LYS A 123 -29.51 -16.44 -12.99
CA LYS A 123 -30.25 -15.62 -12.04
C LYS A 123 -29.90 -15.98 -10.58
N SER A 124 -30.25 -17.20 -10.18
CA SER A 124 -30.15 -17.60 -8.78
C SER A 124 -28.73 -17.83 -8.32
N SER A 125 -28.52 -17.95 -7.01
CA SER A 125 -27.16 -18.22 -6.52
C SER A 125 -26.70 -19.60 -7.07
N SER A 126 -27.59 -20.61 -7.12
CA SER A 126 -27.18 -21.87 -7.75
C SER A 126 -26.83 -21.74 -9.29
N ASP A 127 -27.52 -20.89 -10.05
CA ASP A 127 -27.10 -20.61 -11.45
C ASP A 127 -25.73 -20.02 -11.50
N LEU A 128 -25.44 -19.11 -10.58
CA LEU A 128 -24.14 -18.45 -10.62
C LEU A 128 -23.01 -19.45 -10.36
N LEU A 129 -23.19 -20.32 -9.35
CA LEU A 129 -22.19 -21.31 -9.02
C LEU A 129 -21.99 -22.22 -10.24
N ARG A 130 -23.08 -22.67 -10.90
CA ARG A 130 -22.93 -23.55 -12.07
C ARG A 130 -22.08 -22.89 -13.20
N PHE A 131 -22.40 -21.62 -13.47
CA PHE A 131 -21.70 -20.81 -14.41
C PHE A 131 -20.16 -20.77 -14.17
N TYR A 132 -19.75 -20.38 -12.98
CA TYR A 132 -18.33 -20.39 -12.66
C TYR A 132 -17.68 -21.77 -12.63
N GLN A 133 -18.42 -22.81 -12.20
CA GLN A 133 -17.86 -24.12 -12.17
C GLN A 133 -17.58 -24.63 -13.59
N ASN A 134 -18.48 -24.25 -14.50
CA ASN A 134 -18.39 -24.73 -15.86
C ASN A 134 -17.39 -23.93 -16.74
N TRP A 135 -17.14 -22.67 -16.37
CA TRP A 135 -16.27 -21.78 -17.10
C TRP A 135 -14.88 -22.36 -17.26
N GLN A 136 -14.43 -22.39 -18.52
CA GLN A 136 -13.12 -22.91 -18.88
C GLN A 136 -12.14 -21.77 -19.24
N PRO A 137 -11.11 -21.53 -18.41
CA PRO A 137 -10.21 -20.43 -18.82
C PRO A 137 -9.48 -20.65 -20.13
N ALA A 138 -9.29 -19.57 -20.89
CA ALA A 138 -8.48 -19.66 -22.08
C ALA A 138 -6.98 -19.60 -21.75
N TRP A 139 -6.63 -19.04 -20.60
CA TRP A 139 -5.22 -18.71 -20.28
C TRP A 139 -4.97 -19.01 -18.83
N ALA A 140 -3.71 -19.22 -18.48
CA ALA A 140 -3.34 -19.29 -17.08
C ALA A 140 -3.66 -17.95 -16.38
N PRO A 141 -3.86 -18.03 -15.04
CA PRO A 141 -4.16 -16.87 -14.25
C PRO A 141 -2.99 -15.89 -14.33
N GLY A 142 -3.31 -14.61 -14.30
CA GLY A 142 -2.34 -13.54 -14.24
C GLY A 142 -1.47 -13.38 -15.48
N THR A 143 -2.01 -13.78 -16.64
CA THR A 143 -1.27 -13.63 -17.89
C THR A 143 -1.90 -12.66 -18.89
N GLN A 144 -3.22 -12.66 -18.94
CA GLN A 144 -3.93 -11.78 -19.88
C GLN A 144 -5.05 -11.03 -19.22
N ARG A 145 -5.26 -9.82 -19.68
CA ARG A 145 -6.38 -9.01 -19.20
C ARG A 145 -7.55 -9.06 -20.22
N LEU A 146 -8.77 -9.36 -19.74
CA LEU A 146 -9.97 -9.33 -20.62
C LEU A 146 -11.03 -8.69 -19.76
N TYR A 147 -11.37 -7.44 -20.09
CA TYR A 147 -12.27 -6.62 -19.22
C TYR A 147 -13.54 -7.45 -19.08
N ALA A 148 -14.08 -7.55 -17.86
CA ALA A 148 -15.14 -8.53 -17.67
C ALA A 148 -15.99 -8.23 -16.43
N ASN A 149 -17.30 -8.08 -16.68
CA ASN A 149 -18.20 -7.95 -15.54
C ASN A 149 -18.27 -9.19 -14.65
N SER A 150 -18.07 -10.35 -15.23
CA SER A 150 -18.18 -11.63 -14.50
C SER A 150 -16.94 -11.77 -13.58
N SER A 151 -15.92 -10.98 -13.86
CA SER A 151 -14.66 -11.00 -13.09
C SER A 151 -14.79 -10.04 -11.88
N ILE A 152 -14.80 -8.72 -12.13
CA ILE A 152 -14.91 -7.77 -11.01
C ILE A 152 -16.23 -7.90 -10.24
N GLY A 153 -17.30 -8.35 -10.92
CA GLY A 153 -18.60 -8.60 -10.30
C GLY A 153 -18.43 -9.61 -9.18
N LEU A 154 -17.74 -10.70 -9.49
CA LEU A 154 -17.54 -11.77 -8.51
C LEU A 154 -16.62 -11.26 -7.41
N PHE A 155 -15.61 -10.50 -7.78
CA PHE A 155 -14.75 -9.91 -6.77
C PHE A 155 -15.59 -9.14 -5.74
N GLY A 156 -16.51 -8.27 -6.19
CA GLY A 156 -17.38 -7.43 -5.29
C GLY A 156 -18.22 -8.29 -4.37
N ALA A 157 -18.82 -9.34 -4.93
CA ALA A 157 -19.64 -10.22 -4.10
C ALA A 157 -18.82 -10.98 -3.04
N LEU A 158 -17.63 -11.42 -3.40
CA LEU A 158 -16.84 -12.24 -2.46
C LEU A 158 -16.26 -11.30 -1.43
N ALA A 159 -15.91 -10.09 -1.84
CA ALA A 159 -15.20 -9.21 -0.98
C ALA A 159 -15.99 -8.78 0.24
N VAL A 160 -17.33 -8.73 0.12
CA VAL A 160 -18.17 -8.34 1.27
C VAL A 160 -18.61 -9.56 2.11
N LYS A 161 -18.23 -10.77 1.71
CA LYS A 161 -18.73 -11.96 2.47
C LYS A 161 -18.36 -11.95 3.94
N PRO A 162 -17.08 -11.67 4.25
CA PRO A 162 -16.74 -11.77 5.68
C PRO A 162 -17.43 -10.72 6.55
N SER A 163 -17.76 -9.56 5.97
CA SER A 163 -18.46 -8.50 6.65
C SER A 163 -19.79 -8.93 7.23
N GLY A 164 -20.43 -9.91 6.63
CA GLY A 164 -21.79 -10.27 7.01
C GLY A 164 -22.88 -9.50 6.30
N LEU A 165 -22.54 -8.43 5.55
CA LEU A 165 -23.51 -7.51 4.98
C LEU A 165 -23.84 -7.91 3.52
N SER A 166 -25.02 -7.56 3.01
CA SER A 166 -25.24 -7.68 1.56
C SER A 166 -24.29 -6.67 0.87
N PHE A 167 -23.96 -6.89 -0.42
CA PHE A 167 -23.18 -5.90 -1.18
C PHE A 167 -23.75 -4.45 -1.07
N GLU A 168 -25.04 -4.28 -1.28
CA GLU A 168 -25.66 -2.98 -1.16
C GLU A 168 -25.50 -2.32 0.22
N GLN A 169 -25.76 -3.07 1.31
CA GLN A 169 -25.61 -2.53 2.66
C GLN A 169 -24.14 -2.20 2.93
N ALA A 170 -23.23 -3.07 2.50
CA ALA A 170 -21.80 -2.77 2.68
C ALA A 170 -21.46 -1.47 1.94
N MET A 171 -21.94 -1.37 0.68
CA MET A 171 -21.64 -0.15 -0.07
C MET A 171 -22.25 1.10 0.56
N GLN A 172 -23.49 1.00 1.02
CA GLN A 172 -24.14 2.20 1.70
C GLN A 172 -23.38 2.60 2.97
N THR A 173 -23.09 1.62 3.81
CA THR A 173 -22.58 1.99 5.13
C THR A 173 -21.08 2.33 5.06
N ARG A 174 -20.34 1.71 4.15
CA ARG A 174 -18.89 1.81 4.23
C ARG A 174 -18.38 2.82 3.25
N VAL A 175 -19.13 3.16 2.19
CA VAL A 175 -18.62 4.06 1.16
C VAL A 175 -19.57 5.27 0.96
N PHE A 176 -20.86 5.04 0.62
CA PHE A 176 -21.79 6.15 0.29
C PHE A 176 -22.03 7.03 1.52
N GLN A 177 -22.40 6.45 2.66
CA GLN A 177 -22.70 7.30 3.84
C GLN A 177 -21.48 8.10 4.37
N PRO A 178 -20.33 7.43 4.63
CA PRO A 178 -19.16 8.22 5.07
C PRO A 178 -18.76 9.37 4.11
N LEU A 179 -18.97 9.20 2.83
CA LEU A 179 -18.62 10.22 1.82
C LEU A 179 -19.75 11.20 1.52
N LYS A 180 -20.86 11.06 2.26
CA LYS A 180 -22.04 11.92 2.10
C LYS A 180 -22.58 11.85 0.66
N LEU A 181 -22.50 10.67 0.06
CA LEU A 181 -23.12 10.48 -1.27
C LEU A 181 -24.57 10.02 -0.95
N ASN A 182 -25.40 11.01 -0.63
CA ASN A 182 -26.74 10.75 -0.17
C ASN A 182 -27.80 10.68 -1.28
N HIS A 183 -27.39 10.78 -2.55
CA HIS A 183 -28.27 10.64 -3.75
C HIS A 183 -27.51 9.73 -4.77
N THR A 184 -26.86 8.70 -4.22
CA THR A 184 -26.22 7.67 -5.01
C THR A 184 -26.83 6.31 -4.60
N TRP A 185 -27.29 5.54 -5.58
CA TRP A 185 -28.17 4.38 -5.27
C TRP A 185 -27.78 3.20 -6.11
N ILE A 186 -27.80 2.00 -5.49
CA ILE A 186 -27.80 0.78 -6.33
C ILE A 186 -29.25 0.46 -6.77
N ASN A 187 -30.22 0.73 -5.87
CA ASN A 187 -31.63 0.63 -6.17
C ASN A 187 -32.28 2.02 -5.98
N VAL A 188 -32.87 2.55 -7.04
CA VAL A 188 -33.43 3.93 -6.87
C VAL A 188 -34.72 3.85 -6.06
N PRO A 189 -34.79 4.54 -4.91
CA PRO A 189 -36.02 4.46 -4.11
C PRO A 189 -37.20 5.20 -4.79
N PRO A 190 -38.43 4.74 -4.58
CA PRO A 190 -39.59 5.49 -5.13
C PRO A 190 -39.58 7.02 -4.95
N ALA A 191 -39.20 7.53 -3.77
CA ALA A 191 -39.15 8.99 -3.51
C ALA A 191 -38.20 9.70 -4.47
N GLU A 192 -37.25 8.94 -5.02
CA GLU A 192 -36.23 9.56 -5.88
C GLU A 192 -36.48 9.44 -7.39
N GLU A 193 -37.52 8.70 -7.80
CA GLU A 193 -37.79 8.45 -9.23
C GLU A 193 -37.99 9.73 -10.05
N LYS A 194 -38.54 10.77 -9.42
CA LYS A 194 -38.84 12.08 -10.06
C LYS A 194 -37.51 12.64 -10.64
N ASN A 195 -36.37 12.27 -10.04
CA ASN A 195 -35.00 12.71 -10.46
C ASN A 195 -34.27 11.71 -11.39
N TYR A 196 -34.88 10.55 -11.68
CA TYR A 196 -34.11 9.50 -12.36
C TYR A 196 -34.28 9.74 -13.89
N ALA A 197 -33.20 10.15 -14.54
CA ALA A 197 -33.32 10.39 -16.00
C ALA A 197 -33.68 9.14 -16.74
N TRP A 198 -34.34 9.24 -17.90
CA TRP A 198 -34.44 8.09 -18.82
C TRP A 198 -33.18 8.05 -19.67
N GLY A 199 -32.68 6.84 -19.99
CA GLY A 199 -31.64 6.65 -21.01
C GLY A 199 -32.32 6.62 -22.36
N TYR A 200 -31.57 6.89 -23.41
CA TYR A 200 -32.14 6.91 -24.74
C TYR A 200 -31.27 6.06 -25.61
N ARG A 201 -31.87 5.06 -26.23
CA ARG A 201 -31.13 4.15 -27.07
C ARG A 201 -31.96 4.05 -28.34
N GLU A 202 -31.39 4.46 -29.47
CA GLU A 202 -32.15 4.55 -30.72
C GLU A 202 -33.40 5.40 -30.50
N GLY A 203 -33.28 6.46 -29.70
CA GLY A 203 -34.45 7.28 -29.34
C GLY A 203 -35.60 6.63 -28.53
N LYS A 204 -35.42 5.40 -28.02
CA LYS A 204 -36.40 4.86 -27.07
C LYS A 204 -35.89 5.12 -25.62
N ALA A 205 -36.78 5.53 -24.75
CA ALA A 205 -36.49 5.66 -23.32
C ALA A 205 -36.25 4.27 -22.66
N VAL A 206 -35.14 4.13 -21.92
CA VAL A 206 -34.79 2.86 -21.35
C VAL A 206 -34.04 3.09 -20.04
N HIS A 207 -34.13 2.07 -19.16
CA HIS A 207 -33.35 1.97 -17.94
C HIS A 207 -32.69 0.61 -17.91
N VAL A 208 -31.61 0.51 -17.13
CA VAL A 208 -30.89 -0.78 -17.05
C VAL A 208 -31.79 -1.85 -16.49
N SER A 209 -31.66 -3.06 -17.06
CA SER A 209 -32.38 -4.25 -16.62
C SER A 209 -31.66 -4.97 -15.51
N PRO A 210 -32.43 -5.55 -14.58
CA PRO A 210 -31.76 -6.40 -13.56
C PRO A 210 -30.91 -7.49 -14.21
N GLY A 211 -29.82 -7.88 -13.54
CA GLY A 211 -29.03 -9.04 -13.97
C GLY A 211 -28.13 -9.51 -12.85
N ALA A 212 -27.55 -10.73 -13.01
CA ALA A 212 -26.63 -11.20 -11.96
C ALA A 212 -25.39 -10.34 -11.87
N LEU A 213 -24.99 -10.06 -10.65
CA LEU A 213 -23.86 -9.20 -10.36
C LEU A 213 -23.99 -7.81 -10.92
N ASP A 214 -25.23 -7.38 -11.23
CA ASP A 214 -25.42 -6.00 -11.67
C ASP A 214 -24.92 -4.91 -10.68
N ALA A 215 -25.31 -4.99 -9.41
CA ALA A 215 -24.89 -4.01 -8.42
C ALA A 215 -23.34 -3.85 -8.40
N GLU A 216 -22.64 -4.98 -8.51
CA GLU A 216 -21.19 -5.05 -8.34
C GLU A 216 -20.40 -4.54 -9.57
N ALA A 217 -21.01 -4.58 -10.75
CA ALA A 217 -20.31 -4.37 -12.00
C ALA A 217 -20.80 -3.11 -12.70
N TYR A 218 -22.13 -2.81 -12.68
CA TYR A 218 -22.62 -1.68 -13.48
C TYR A 218 -23.91 -0.99 -12.94
N GLY A 219 -24.23 -1.19 -11.65
CA GLY A 219 -25.57 -0.90 -11.19
C GLY A 219 -25.77 0.39 -10.39
N VAL A 220 -24.78 1.22 -10.24
CA VAL A 220 -24.95 2.47 -9.47
C VAL A 220 -25.51 3.65 -10.28
N LYS A 221 -26.42 4.42 -9.66
CA LYS A 221 -26.94 5.63 -10.33
C LYS A 221 -26.57 6.74 -9.41
N SER A 222 -26.25 7.93 -9.97
CA SER A 222 -25.79 9.01 -9.08
C SER A 222 -26.06 10.35 -9.76
N THR A 223 -25.90 11.39 -8.96
CA THR A 223 -26.06 12.77 -9.43
C THR A 223 -24.71 13.39 -9.74
N ILE A 224 -24.75 14.51 -10.46
CA ILE A 224 -23.44 15.14 -10.80
C ILE A 224 -22.79 15.67 -9.51
N GLU A 225 -23.60 16.06 -8.50
CA GLU A 225 -23.05 16.59 -7.26
C GLU A 225 -22.35 15.46 -6.51
N ASP A 226 -23.03 14.33 -6.38
CA ASP A 226 -22.35 13.20 -5.73
C ASP A 226 -21.10 12.71 -6.46
N MET A 227 -21.15 12.71 -7.77
CA MET A 227 -20.05 12.24 -8.51
C MET A 227 -18.91 13.23 -8.43
N ALA A 228 -19.21 14.54 -8.39
CA ALA A 228 -18.13 15.49 -8.10
C ALA A 228 -17.48 15.16 -6.78
N ARG A 229 -18.30 14.80 -5.78
CA ARG A 229 -17.81 14.52 -4.47
C ARG A 229 -16.99 13.22 -4.44
N TRP A 230 -17.42 12.27 -5.24
CA TRP A 230 -16.65 10.99 -5.45
C TRP A 230 -15.25 11.29 -6.01
N VAL A 231 -15.20 12.16 -7.04
CA VAL A 231 -13.90 12.53 -7.63
C VAL A 231 -13.05 13.23 -6.54
N GLN A 232 -13.63 14.18 -5.77
CA GLN A 232 -12.89 14.87 -4.71
C GLN A 232 -12.33 13.87 -3.71
N SER A 233 -13.14 12.88 -3.34
CA SER A 233 -12.68 11.87 -2.39
C SER A 233 -11.52 11.07 -2.94
N ASN A 234 -11.55 10.78 -4.22
CA ASN A 234 -10.47 9.98 -4.89
C ASN A 234 -9.22 10.81 -5.24
N LEU A 235 -9.42 12.11 -5.43
CA LEU A 235 -8.30 13.03 -5.61
C LEU A 235 -7.44 13.17 -4.38
N LYS A 236 -8.08 13.23 -3.19
CA LYS A 236 -7.45 13.56 -1.94
C LYS A 236 -8.00 12.62 -0.85
N PRO A 237 -7.64 11.33 -0.89
CA PRO A 237 -8.15 10.38 0.15
C PRO A 237 -7.67 10.78 1.59
N LEU A 238 -6.61 11.58 1.69
CA LEU A 238 -6.06 11.82 3.01
C LEU A 238 -7.02 12.73 3.78
N ASP A 239 -8.00 13.29 3.06
CA ASP A 239 -8.99 14.16 3.72
C ASP A 239 -10.08 13.36 4.38
N ILE A 240 -10.24 12.11 3.94
CA ILE A 240 -11.21 11.17 4.50
C ILE A 240 -10.82 10.67 5.92
N ASN A 241 -11.77 10.79 6.86
CA ASN A 241 -11.53 10.50 8.28
C ASN A 241 -11.68 9.03 8.68
N GLU A 242 -12.43 8.26 7.90
CA GLU A 242 -12.51 6.82 8.10
C GLU A 242 -11.22 6.18 7.57
N LYS A 243 -10.43 5.66 8.49
CA LYS A 243 -9.11 5.13 8.21
C LYS A 243 -9.19 4.05 7.14
N THR A 244 -10.09 3.08 7.28
CA THR A 244 -10.09 2.00 6.25
C THR A 244 -10.56 2.42 4.87
N LEU A 245 -11.43 3.41 4.82
CA LEU A 245 -11.93 3.95 3.56
C LEU A 245 -10.82 4.73 2.85
N GLN A 246 -10.03 5.52 3.59
CA GLN A 246 -8.87 6.25 3.06
C GLN A 246 -7.94 5.25 2.42
N GLN A 247 -7.53 4.24 3.20
CA GLN A 247 -6.62 3.25 2.72
C GLN A 247 -7.20 2.54 1.51
N GLY A 248 -8.47 2.16 1.60
CA GLY A 248 -9.15 1.54 0.45
C GLY A 248 -9.10 2.31 -0.86
N ILE A 249 -9.31 3.63 -0.79
CA ILE A 249 -9.21 4.46 -1.96
C ILE A 249 -7.76 4.42 -2.49
N GLN A 250 -6.81 4.46 -1.57
CA GLN A 250 -5.44 4.42 -2.00
C GLN A 250 -5.12 3.11 -2.68
N LEU A 251 -5.60 1.97 -2.12
CA LEU A 251 -5.40 0.69 -2.75
C LEU A 251 -6.06 0.56 -4.13
N ALA A 252 -7.16 1.25 -4.36
CA ALA A 252 -7.84 1.10 -5.65
C ALA A 252 -7.03 1.82 -6.75
N GLN A 253 -6.14 2.72 -6.35
CA GLN A 253 -5.29 3.43 -7.34
C GLN A 253 -3.88 2.89 -7.35
N SER A 254 -3.69 1.79 -6.63
CA SER A 254 -2.34 1.16 -6.79
C SER A 254 -2.24 0.56 -8.19
N ARG A 255 -1.03 0.41 -8.70
CA ARG A 255 -0.81 -0.17 -10.05
C ARG A 255 -0.42 -1.64 -9.99
N TYR A 256 -1.36 -2.50 -10.35
CA TYR A 256 -1.25 -3.98 -10.21
C TYR A 256 -0.67 -4.68 -11.46
N TRP A 257 -1.02 -4.16 -12.66
CA TRP A 257 -0.60 -4.79 -13.95
C TRP A 257 -0.45 -3.61 -14.93
N GLN A 258 0.36 -3.82 -15.95
CA GLN A 258 0.54 -2.82 -17.00
C GLN A 258 0.24 -3.49 -18.33
N THR A 259 -0.56 -2.84 -19.17
CA THR A 259 -0.62 -3.23 -20.56
C THR A 259 -0.47 -1.99 -21.42
N GLY A 260 0.56 -1.93 -22.25
CA GLY A 260 0.78 -0.74 -23.05
C GLY A 260 1.13 0.39 -22.08
N ASP A 261 0.41 1.51 -22.22
CA ASP A 261 0.61 2.67 -21.41
C ASP A 261 -0.32 2.69 -20.23
N MET A 262 -1.18 1.71 -20.09
CA MET A 262 -2.22 1.69 -19.05
C MET A 262 -1.82 0.80 -17.85
N TYR A 263 -2.23 1.22 -16.66
CA TYR A 263 -2.10 0.46 -15.42
C TYR A 263 -3.42 0.12 -14.81
N GLN A 264 -3.59 -1.14 -14.40
CA GLN A 264 -4.88 -1.55 -13.87
C GLN A 264 -4.94 -1.41 -12.38
N GLY A 265 -5.90 -0.66 -11.88
CA GLY A 265 -6.07 -0.55 -10.40
C GLY A 265 -7.28 -1.42 -10.03
N LEU A 266 -7.90 -1.09 -8.90
CA LEU A 266 -9.10 -1.82 -8.58
C LEU A 266 -10.27 -0.90 -9.07
N GLY A 267 -10.85 -1.24 -10.21
CA GLY A 267 -11.93 -0.38 -10.76
C GLY A 267 -11.27 0.74 -11.54
N TRP A 268 -10.58 1.63 -10.88
CA TRP A 268 -9.84 2.66 -11.68
C TRP A 268 -8.80 2.06 -12.62
N GLU A 269 -8.51 2.79 -13.73
CA GLU A 269 -7.36 2.60 -14.62
C GLU A 269 -6.55 3.87 -14.62
N MET A 270 -5.25 3.76 -14.83
CA MET A 270 -4.37 4.93 -14.63
C MET A 270 -3.29 4.99 -15.72
N LEU A 271 -2.83 6.20 -16.05
CA LEU A 271 -1.69 6.37 -16.97
C LEU A 271 -0.83 7.44 -16.33
N ASP A 272 0.48 7.43 -16.57
CA ASP A 272 1.29 8.54 -16.11
C ASP A 272 0.91 9.84 -16.73
N TRP A 273 0.92 10.89 -15.91
CA TRP A 273 0.71 12.25 -16.36
C TRP A 273 2.12 12.89 -16.50
N PRO A 274 2.39 13.60 -17.61
CA PRO A 274 1.44 14.00 -18.65
C PRO A 274 1.21 12.84 -19.58
N VAL A 275 0.01 12.73 -20.12
CA VAL A 275 -0.37 11.55 -20.90
C VAL A 275 -0.40 12.00 -22.32
N ASN A 276 -0.19 11.06 -23.21
CA ASN A 276 -0.33 11.31 -24.63
C ASN A 276 -1.87 11.25 -24.85
N PRO A 277 -2.49 12.36 -25.27
CA PRO A 277 -3.98 12.35 -25.42
C PRO A 277 -4.53 11.26 -26.35
N ASP A 278 -3.83 10.98 -27.46
CA ASP A 278 -4.17 9.88 -28.42
C ASP A 278 -4.09 8.51 -27.79
N SER A 279 -3.25 8.39 -26.78
CA SER A 279 -3.06 7.17 -26.01
C SER A 279 -4.27 6.91 -25.06
N ILE A 280 -4.76 7.92 -24.35
CA ILE A 280 -6.01 7.72 -23.59
C ILE A 280 -7.23 7.77 -24.53
N ILE A 281 -7.21 8.68 -25.53
CA ILE A 281 -8.34 8.82 -26.48
C ILE A 281 -8.57 7.51 -27.28
N ASN A 282 -7.63 7.10 -28.15
CA ASN A 282 -7.78 5.82 -28.86
C ASN A 282 -7.87 4.64 -27.85
N GLY A 283 -7.16 4.75 -26.70
CA GLY A 283 -7.14 3.69 -25.68
C GLY A 283 -8.53 3.35 -25.14
N SER A 284 -9.47 4.31 -25.12
CA SER A 284 -10.90 4.01 -24.84
C SER A 284 -11.63 3.55 -26.12
N ASP A 285 -11.96 2.25 -26.24
CA ASP A 285 -12.74 1.76 -27.38
C ASP A 285 -13.54 0.49 -27.04
N ASN A 286 -14.73 0.67 -26.45
CA ASN A 286 -15.72 -0.40 -26.26
C ASN A 286 -16.38 -0.65 -27.61
N LYS A 287 -15.62 -0.38 -28.67
CA LYS A 287 -15.92 -0.79 -30.05
C LYS A 287 -14.92 -1.90 -30.46
N ILE A 288 -14.04 -2.31 -29.55
CA ILE A 288 -13.27 -3.55 -29.73
C ILE A 288 -13.93 -4.78 -29.03
N ALA A 289 -15.28 -4.82 -28.86
CA ALA A 289 -16.13 -5.95 -28.27
C ALA A 289 -15.50 -6.97 -27.24
N LEU A 290 -14.24 -7.39 -27.53
CA LEU A 290 -13.26 -8.17 -26.71
C LEU A 290 -11.79 -7.77 -27.25
N ALA A 291 -10.99 -7.01 -26.46
CA ALA A 291 -9.53 -7.02 -26.59
C ALA A 291 -8.83 -7.70 -25.40
N ALA A 292 -8.30 -8.86 -25.73
CA ALA A 292 -7.58 -9.63 -24.75
C ALA A 292 -6.18 -9.04 -24.87
N ARG A 293 -5.54 -8.65 -23.77
CA ARG A 293 -4.18 -8.15 -23.88
C ARG A 293 -3.24 -8.79 -22.85
N PRO A 294 -2.03 -9.14 -23.26
CA PRO A 294 -1.05 -9.68 -22.27
C PRO A 294 -0.76 -8.62 -21.19
N VAL A 295 -0.61 -9.01 -19.93
CA VAL A 295 -0.28 -8.07 -18.86
C VAL A 295 1.08 -8.38 -18.26
N LYS A 296 1.79 -7.33 -17.85
CA LYS A 296 3.00 -7.52 -17.02
C LYS A 296 2.61 -7.21 -15.59
N ALA A 297 2.95 -8.12 -14.69
CA ALA A 297 2.68 -7.92 -13.28
C ALA A 297 3.63 -6.84 -12.74
N ILE A 298 3.12 -6.04 -11.79
CA ILE A 298 3.93 -4.99 -11.21
C ILE A 298 4.18 -5.52 -9.76
N THR A 299 5.38 -6.00 -9.54
CA THR A 299 5.71 -6.86 -8.46
C THR A 299 6.74 -6.14 -7.51
N PRO A 300 6.29 -5.55 -6.39
CA PRO A 300 4.94 -5.44 -5.90
C PRO A 300 4.22 -4.22 -6.52
N PRO A 301 2.90 -4.14 -6.31
CA PRO A 301 2.10 -3.03 -6.98
C PRO A 301 2.65 -1.65 -6.55
N THR A 302 2.69 -0.68 -7.46
CA THR A 302 3.15 0.68 -7.11
C THR A 302 2.02 1.40 -6.38
N PRO A 303 2.33 2.05 -5.25
CA PRO A 303 1.27 2.79 -4.55
C PRO A 303 0.77 3.92 -5.45
N ALA A 304 -0.46 4.38 -5.16
CA ALA A 304 -1.08 5.43 -5.95
C ALA A 304 -0.09 6.55 -6.35
N VAL A 305 0.10 6.73 -7.64
CA VAL A 305 1.02 7.75 -8.09
C VAL A 305 0.25 9.08 -8.26
N ARG A 306 0.68 10.17 -7.59
CA ARG A 306 -0.04 11.44 -7.73
C ARG A 306 -0.09 12.07 -9.16
N ALA A 307 1.00 11.95 -9.92
CA ALA A 307 1.06 12.41 -11.35
C ALA A 307 0.51 11.34 -12.31
N SER A 308 -0.81 11.07 -12.20
CA SER A 308 -1.47 10.09 -13.04
C SER A 308 -2.71 10.71 -13.58
N TRP A 309 -3.12 10.23 -14.75
CA TRP A 309 -4.48 10.45 -15.28
C TRP A 309 -5.23 9.20 -14.80
N VAL A 310 -6.17 9.38 -13.87
CA VAL A 310 -6.91 8.26 -13.31
C VAL A 310 -8.28 8.39 -13.93
N HIS A 311 -8.82 7.28 -14.44
CA HIS A 311 -10.09 7.42 -15.13
C HIS A 311 -10.92 6.16 -15.21
N LYS A 312 -12.18 6.32 -15.67
CA LYS A 312 -13.02 5.17 -15.92
C LYS A 312 -14.18 5.64 -16.85
N THR A 313 -14.38 4.88 -17.92
CA THR A 313 -15.59 5.05 -18.82
C THR A 313 -16.72 4.12 -18.31
N GLY A 314 -17.98 4.43 -18.65
CA GLY A 314 -19.00 3.47 -18.24
C GLY A 314 -20.21 3.69 -19.06
N ALA A 315 -20.98 2.62 -19.35
CA ALA A 315 -22.16 2.79 -20.22
C ALA A 315 -23.22 1.86 -19.77
N THR A 316 -24.44 2.21 -20.06
CA THR A 316 -25.51 1.22 -20.08
C THR A 316 -26.19 1.37 -21.43
N GLY A 317 -27.30 0.64 -21.64
CA GLY A 317 -27.87 0.70 -22.95
C GLY A 317 -28.28 2.13 -23.30
N GLY A 318 -28.68 2.91 -22.28
CA GLY A 318 -29.21 4.27 -22.49
C GLY A 318 -28.30 5.38 -21.99
N PHE A 319 -27.14 5.05 -21.39
CA PHE A 319 -26.33 6.10 -20.72
C PHE A 319 -24.83 5.99 -21.05
N GLY A 320 -24.18 7.14 -21.03
CA GLY A 320 -22.70 7.15 -21.20
C GLY A 320 -22.07 8.04 -20.19
N SER A 321 -21.11 7.49 -19.42
CA SER A 321 -20.49 8.26 -18.36
C SER A 321 -18.96 8.22 -18.48
N TYR A 322 -18.29 9.21 -17.92
CA TYR A 322 -16.81 9.26 -17.90
C TYR A 322 -16.36 10.08 -16.71
N VAL A 323 -15.33 9.57 -16.01
CA VAL A 323 -14.73 10.25 -14.90
C VAL A 323 -13.21 10.20 -15.12
N ALA A 324 -12.52 11.33 -14.90
CA ALA A 324 -11.08 11.40 -15.04
C ALA A 324 -10.54 12.43 -14.08
N PHE A 325 -9.37 12.20 -13.47
CA PHE A 325 -8.77 13.21 -12.56
C PHE A 325 -7.27 12.99 -12.45
N ILE A 326 -6.58 14.06 -12.09
CA ILE A 326 -5.15 14.09 -11.93
C ILE A 326 -4.87 14.56 -10.50
N PRO A 327 -4.49 13.64 -9.61
CA PRO A 327 -4.29 13.95 -8.19
C PRO A 327 -3.33 15.07 -7.96
N GLU A 328 -2.17 15.05 -8.61
CA GLU A 328 -1.19 16.04 -8.36
C GLU A 328 -1.75 17.45 -8.65
N LYS A 329 -2.75 17.58 -9.51
CA LYS A 329 -3.12 18.94 -10.00
C LYS A 329 -4.42 19.28 -9.31
N GLU A 330 -4.94 18.38 -8.47
CA GLU A 330 -6.22 18.64 -7.79
C GLU A 330 -7.32 18.94 -8.85
N LEU A 331 -7.31 18.18 -9.95
CA LEU A 331 -8.13 18.57 -11.11
C LEU A 331 -8.90 17.38 -11.60
N GLY A 332 -10.20 17.53 -11.89
CA GLY A 332 -10.95 16.38 -12.35
C GLY A 332 -12.19 16.76 -13.12
N ILE A 333 -12.80 15.77 -13.72
CA ILE A 333 -14.05 15.99 -14.46
C ILE A 333 -14.93 14.78 -14.36
N VAL A 334 -16.23 15.04 -14.39
CA VAL A 334 -17.28 14.03 -14.49
C VAL A 334 -18.20 14.47 -15.63
N MET A 335 -18.44 13.56 -16.55
CA MET A 335 -19.41 13.83 -17.60
C MET A 335 -20.47 12.71 -17.57
N LEU A 336 -21.75 13.10 -17.44
CA LEU A 336 -22.85 12.11 -17.35
C LEU A 336 -23.83 12.43 -18.46
N ALA A 337 -24.20 11.44 -19.23
CA ALA A 337 -25.11 11.71 -20.35
C ALA A 337 -26.12 10.58 -20.43
N ASN A 338 -27.34 10.89 -20.92
CA ASN A 338 -28.32 9.84 -21.12
C ASN A 338 -28.44 9.41 -22.59
N LYS A 339 -27.28 9.23 -23.21
CA LYS A 339 -27.12 8.43 -24.38
C LYS A 339 -25.75 7.77 -24.26
N ASN A 340 -25.64 6.54 -24.79
CA ASN A 340 -24.35 5.81 -24.77
C ASN A 340 -23.57 6.19 -26.03
N TYR A 341 -22.81 7.25 -25.97
CA TYR A 341 -22.09 7.69 -27.19
C TYR A 341 -20.64 7.24 -27.10
N PRO A 342 -19.93 7.20 -28.25
CA PRO A 342 -18.61 6.49 -28.26
C PRO A 342 -17.61 7.00 -27.26
N ASN A 343 -16.87 6.09 -26.60
CA ASN A 343 -15.88 6.44 -25.58
C ASN A 343 -14.80 7.47 -26.06
N PRO A 344 -14.29 7.36 -27.31
CA PRO A 344 -13.24 8.34 -27.69
C PRO A 344 -13.73 9.77 -27.66
N ALA A 345 -15.01 10.01 -27.99
CA ALA A 345 -15.53 11.36 -27.90
C ALA A 345 -15.58 11.85 -26.45
N ARG A 346 -15.84 10.95 -25.47
CA ARG A 346 -15.80 11.35 -24.04
C ARG A 346 -14.34 11.75 -23.66
N VAL A 347 -13.36 10.90 -24.00
CA VAL A 347 -12.03 11.16 -23.45
C VAL A 347 -11.49 12.39 -24.17
N ASP A 348 -11.81 12.54 -25.46
CA ASP A 348 -11.32 13.76 -26.12
C ASP A 348 -11.81 15.07 -25.44
N ALA A 349 -13.08 15.14 -25.10
CA ALA A 349 -13.68 16.33 -24.50
C ALA A 349 -13.03 16.52 -23.12
N ALA A 350 -12.89 15.42 -22.36
CA ALA A 350 -12.36 15.48 -20.97
C ALA A 350 -10.93 16.02 -21.05
N TRP A 351 -10.11 15.44 -21.93
CA TRP A 351 -8.72 15.90 -22.11
C TRP A 351 -8.65 17.36 -22.55
N GLN A 352 -9.53 17.76 -23.48
CA GLN A 352 -9.48 19.13 -23.99
C GLN A 352 -9.74 20.12 -22.82
N ILE A 353 -10.73 19.79 -21.93
CA ILE A 353 -11.05 20.60 -20.73
C ILE A 353 -9.91 20.61 -19.69
N LEU A 354 -9.43 19.44 -19.28
CA LEU A 354 -8.43 19.41 -18.24
C LEU A 354 -7.10 19.92 -18.75
N ASN A 355 -6.71 19.59 -19.99
CA ASN A 355 -5.49 20.15 -20.64
C ASN A 355 -5.56 21.68 -20.53
N ALA A 356 -6.71 22.26 -20.86
CA ALA A 356 -6.79 23.74 -20.90
C ALA A 356 -6.66 24.36 -19.52
N LEU A 357 -7.07 23.60 -18.49
CA LEU A 357 -7.05 24.08 -17.09
C LEU A 357 -5.77 23.71 -16.36
N GLN A 358 -5.01 22.75 -16.88
CA GLN A 358 -3.91 22.14 -16.13
C GLN A 358 -2.82 23.16 -15.97
N ALA B 1 4.98 5.33 36.57
CA ALA B 1 4.51 4.09 35.88
C ALA B 1 3.43 3.30 36.68
N PRO B 2 2.38 2.76 36.00
CA PRO B 2 1.60 1.82 36.81
C PRO B 2 2.42 0.73 37.50
N GLN B 3 1.93 0.34 38.64
CA GLN B 3 2.53 -0.68 39.48
C GLN B 3 2.74 -1.98 38.66
N GLN B 4 1.79 -2.33 37.79
CA GLN B 4 1.91 -3.60 37.05
C GLN B 4 3.05 -3.52 36.04
N ILE B 5 3.34 -2.32 35.51
CA ILE B 5 4.46 -2.18 34.57
C ILE B 5 5.77 -2.27 35.34
N ASN B 6 5.88 -1.48 36.40
CA ASN B 6 7.07 -1.53 37.27
C ASN B 6 7.36 -2.96 37.71
N ASP B 7 6.30 -3.69 38.13
CA ASP B 7 6.45 -5.06 38.60
C ASP B 7 7.00 -6.05 37.58
N ILE B 8 6.37 -6.14 36.41
CA ILE B 8 6.82 -7.09 35.41
C ILE B 8 8.19 -6.72 34.84
N VAL B 9 8.46 -5.42 34.67
CA VAL B 9 9.81 -5.03 34.24
C VAL B 9 10.88 -5.42 35.28
N HIS B 10 10.65 -5.00 36.52
CA HIS B 10 11.64 -5.25 37.59
C HIS B 10 11.87 -6.79 37.69
N ARG B 11 10.81 -7.57 37.77
CA ARG B 11 11.00 -9.00 37.85
C ARG B 11 11.60 -9.66 36.59
N THR B 12 11.50 -9.04 35.40
CA THR B 12 12.02 -9.62 34.18
C THR B 12 13.41 -9.11 33.78
N ILE B 13 13.58 -7.79 33.69
CA ILE B 13 14.83 -7.19 33.22
C ILE B 13 15.94 -7.22 34.27
N THR B 14 15.59 -6.88 35.53
CA THR B 14 16.62 -6.85 36.58
C THR B 14 17.33 -8.20 36.71
N PRO B 15 16.58 -9.37 36.74
CA PRO B 15 17.35 -10.65 36.73
C PRO B 15 18.09 -10.99 35.45
N LEU B 16 17.55 -10.66 34.26
CA LEU B 16 18.24 -10.82 32.96
C LEU B 16 19.62 -10.16 32.97
N ILE B 17 19.68 -8.94 33.50
CA ILE B 17 20.92 -8.18 33.64
C ILE B 17 21.93 -8.95 34.50
N GLU B 18 21.45 -9.44 35.63
CA GLU B 18 22.29 -10.28 36.49
C GLU B 18 22.74 -11.54 35.73
N GLN B 19 21.83 -12.21 35.04
CA GLN B 19 22.21 -13.49 34.37
C GLN B 19 23.23 -13.32 33.27
N GLN B 20 23.14 -12.18 32.55
CA GLN B 20 23.86 -11.99 31.31
C GLN B 20 25.04 -11.08 31.59
N LYS B 21 25.16 -10.58 32.82
CA LYS B 21 26.26 -9.67 33.21
C LYS B 21 26.30 -8.41 32.34
N ILE B 22 25.14 -7.78 32.20
CA ILE B 22 25.01 -6.61 31.35
C ILE B 22 25.43 -5.37 32.09
N PRO B 23 26.44 -4.63 31.51
CA PRO B 23 26.92 -3.52 32.34
C PRO B 23 25.93 -2.38 32.46
N GLY B 24 25.15 -2.17 31.40
CA GLY B 24 24.20 -1.09 31.43
C GLY B 24 23.05 -1.37 30.48
N MET B 25 21.88 -0.90 30.87
CA MET B 25 20.64 -1.18 30.08
C MET B 25 19.61 -0.09 30.24
N ALA B 26 18.88 0.16 29.13
CA ALA B 26 17.72 1.02 29.23
C ALA B 26 16.59 0.30 28.59
N VAL B 27 15.42 0.42 29.19
CA VAL B 27 14.22 -0.20 28.63
C VAL B 27 13.12 0.86 28.57
N ALA B 28 12.32 0.85 27.51
CA ALA B 28 11.12 1.69 27.46
C ALA B 28 9.93 0.73 27.24
N VAL B 29 8.86 0.95 27.97
CA VAL B 29 7.59 0.21 27.71
C VAL B 29 6.58 1.23 27.22
N ILE B 30 6.01 0.98 26.04
CA ILE B 30 4.93 1.81 25.57
C ILE B 30 3.63 1.05 25.97
N TYR B 31 2.83 1.68 26.81
CA TYR B 31 1.61 1.08 27.30
C TYR B 31 0.51 2.06 27.07
N GLN B 32 -0.53 1.62 26.38
CA GLN B 32 -1.64 2.48 25.96
C GLN B 32 -1.07 3.75 25.31
N GLY B 33 -0.10 3.52 24.43
CA GLY B 33 0.58 4.57 23.71
C GLY B 33 1.56 5.49 24.44
N LYS B 34 1.62 5.42 25.77
CA LYS B 34 2.49 6.33 26.56
C LYS B 34 3.79 5.60 26.96
N PRO B 35 4.94 6.32 27.01
CA PRO B 35 6.21 5.59 27.34
C PRO B 35 6.53 5.60 28.82
N TYR B 36 7.16 4.53 29.27
CA TYR B 36 7.72 4.39 30.64
C TYR B 36 9.15 3.90 30.62
N TYR B 37 10.03 4.51 31.41
CA TYR B 37 11.45 4.33 31.20
C TYR B 37 12.11 3.69 32.41
N PHE B 38 13.17 2.92 32.17
CA PHE B 38 13.86 2.19 33.20
C PHE B 38 15.30 2.17 32.84
N THR B 39 16.17 2.40 33.81
CA THR B 39 17.62 2.40 33.52
C THR B 39 18.35 1.67 34.67
N TRP B 40 19.46 1.01 34.34
CA TRP B 40 20.28 0.23 35.26
C TRP B 40 21.74 0.38 34.81
N GLY B 41 22.65 0.43 35.77
CA GLY B 41 24.03 0.24 35.41
C GLY B 41 24.73 1.39 34.74
N TYR B 42 25.77 1.05 34.00
CA TYR B 42 26.70 2.04 33.52
C TYR B 42 26.80 2.11 32.00
N ALA B 43 26.76 3.34 31.48
CA ALA B 43 27.19 3.58 30.10
C ALA B 43 28.71 3.36 29.88
N ASP B 44 29.51 3.73 30.88
CA ASP B 44 30.95 3.66 30.83
C ASP B 44 31.40 3.16 32.23
N ILE B 45 31.91 1.94 32.30
CA ILE B 45 32.19 1.29 33.58
C ILE B 45 33.33 2.05 34.32
N ALA B 46 34.43 2.29 33.60
CA ALA B 46 35.62 2.93 34.20
C ALA B 46 35.34 4.36 34.71
N LYS B 47 34.57 5.15 33.97
CA LYS B 47 34.16 6.49 34.44
C LYS B 47 32.95 6.46 35.42
N LYS B 48 32.44 5.25 35.67
CA LYS B 48 31.21 5.06 36.40
C LYS B 48 30.14 6.05 35.98
N GLN B 49 29.91 6.18 34.66
CA GLN B 49 28.86 7.07 34.16
C GLN B 49 27.56 6.24 34.09
N PRO B 50 26.49 6.71 34.76
CA PRO B 50 25.23 5.96 34.70
C PRO B 50 24.59 5.98 33.30
N VAL B 51 23.85 4.92 32.99
CA VAL B 51 22.88 4.96 31.88
C VAL B 51 21.77 5.95 32.29
N THR B 52 21.48 6.89 31.39
CA THR B 52 20.39 7.80 31.60
C THR B 52 19.51 7.65 30.35
N GLN B 53 18.42 8.38 30.37
CA GLN B 53 17.54 8.40 29.23
C GLN B 53 18.21 9.14 28.06
N GLN B 54 19.30 9.87 28.33
CA GLN B 54 20.12 10.53 27.29
C GLN B 54 21.24 9.67 26.69
N THR B 55 21.46 8.49 27.23
CA THR B 55 22.53 7.64 26.75
C THR B 55 22.27 7.06 25.33
N LEU B 56 23.26 7.17 24.43
CA LEU B 56 23.15 6.62 23.08
C LEU B 56 23.74 5.22 23.11
N PHE B 57 23.03 4.29 22.52
CA PHE B 57 23.46 2.91 22.30
C PHE B 57 23.59 2.66 20.82
N GLU B 58 24.47 1.74 20.40
CA GLU B 58 24.49 1.24 19.01
C GLU B 58 23.31 0.29 18.82
N LEU B 59 22.50 0.52 17.78
CA LEU B 59 21.32 -0.30 17.58
C LEU B 59 21.62 -1.50 16.70
N GLY B 60 22.78 -1.50 16.02
CA GLY B 60 23.10 -2.63 15.19
C GLY B 60 22.01 -2.78 14.15
N SER B 61 21.53 -4.02 13.95
CA SER B 61 20.46 -4.31 12.90
C SER B 61 19.13 -3.69 13.14
N VAL B 62 18.89 -3.16 14.33
CA VAL B 62 17.64 -2.33 14.52
C VAL B 62 17.66 -1.14 13.54
N SER B 63 18.87 -0.73 13.12
CA SER B 63 19.02 0.31 12.10
C SER B 63 18.27 -0.01 10.79
N LYS B 64 18.14 -1.30 10.45
CA LYS B 64 17.45 -1.73 9.23
C LYS B 64 16.00 -1.28 9.22
N THR B 65 15.40 -1.04 10.40
CA THR B 65 14.01 -0.61 10.47
C THR B 65 13.99 0.86 9.96
N PHE B 66 14.99 1.66 10.31
CA PHE B 66 15.12 3.02 9.76
C PHE B 66 15.41 3.02 8.28
N THR B 67 16.25 2.11 7.80
CA THR B 67 16.47 2.01 6.34
C THR B 67 15.15 1.58 5.64
N GLY B 68 14.42 0.62 6.24
CA GLY B 68 13.17 0.17 5.63
C GLY B 68 12.17 1.33 5.48
N VAL B 69 12.06 2.12 6.55
CA VAL B 69 11.14 3.24 6.59
C VAL B 69 11.56 4.38 5.61
N LEU B 70 12.85 4.64 5.57
CA LEU B 70 13.39 5.64 4.60
C LEU B 70 13.15 5.19 3.13
N GLY B 71 13.36 3.90 2.86
CA GLY B 71 13.03 3.30 1.58
C GLY B 71 11.52 3.46 1.32
N GLY B 72 10.71 3.12 2.34
CA GLY B 72 9.25 3.32 2.30
C GLY B 72 8.82 4.73 1.90
N ASP B 73 9.44 5.71 2.56
CA ASP B 73 9.22 7.12 2.27
C ASP B 73 9.64 7.54 0.81
N ALA B 74 10.79 7.02 0.29
CA ALA B 74 11.18 7.25 -1.09
C ALA B 74 10.17 6.67 -2.10
N ILE B 75 9.60 5.50 -1.81
CA ILE B 75 8.54 4.90 -2.68
C ILE B 75 7.35 5.86 -2.66
N ALA B 76 6.92 6.25 -1.46
CA ALA B 76 5.80 7.18 -1.31
C ALA B 76 6.02 8.51 -2.02
N ARG B 77 7.26 9.04 -1.99
CA ARG B 77 7.59 10.27 -2.77
C ARG B 77 7.57 10.07 -4.29
N GLY B 78 7.46 8.82 -4.75
CA GLY B 78 7.49 8.50 -6.19
C GLY B 78 8.94 8.53 -6.72
N GLU B 79 9.95 8.37 -5.85
CA GLU B 79 11.34 8.45 -6.27
C GLU B 79 11.85 7.09 -6.76
N ILE B 80 11.33 6.03 -6.15
CA ILE B 80 11.71 4.65 -6.49
C ILE B 80 10.45 3.78 -6.41
N LYS B 81 10.52 2.64 -7.03
CA LYS B 81 9.49 1.60 -6.93
C LYS B 81 10.22 0.33 -6.56
N LEU B 82 9.56 -0.52 -5.72
CA LEU B 82 10.25 -1.76 -5.37
C LEU B 82 10.27 -2.75 -6.54
N SER B 83 9.45 -2.53 -7.59
CA SER B 83 9.49 -3.43 -8.69
C SER B 83 10.57 -3.07 -9.66
N ASP B 84 11.24 -1.93 -9.47
CA ASP B 84 12.29 -1.51 -10.43
C ASP B 84 13.57 -2.37 -10.29
N PRO B 85 14.27 -2.61 -11.41
CA PRO B 85 15.54 -3.31 -11.41
C PRO B 85 16.55 -2.57 -10.59
N THR B 86 17.43 -3.30 -9.90
CA THR B 86 18.51 -2.66 -9.18
C THR B 86 19.34 -1.79 -10.15
N THR B 87 19.49 -2.25 -11.39
CA THR B 87 20.26 -1.51 -12.37
C THR B 87 19.70 -0.13 -12.77
N LYS B 88 18.42 0.12 -12.50
CA LYS B 88 17.86 1.43 -12.84
C LYS B 88 18.50 2.53 -11.98
N TYR B 89 18.87 2.19 -10.75
CA TYR B 89 19.47 3.17 -9.87
C TYR B 89 20.96 2.98 -9.73
N TRP B 90 21.48 1.89 -10.32
CA TRP B 90 22.96 1.73 -10.41
C TRP B 90 23.36 1.25 -11.82
N PRO B 91 23.41 2.19 -12.79
CA PRO B 91 23.58 1.84 -14.19
C PRO B 91 24.92 1.16 -14.46
N GLU B 92 25.90 1.46 -13.60
CA GLU B 92 27.22 0.84 -13.67
C GLU B 92 27.24 -0.64 -13.30
N LEU B 93 26.19 -1.11 -12.68
CA LEU B 93 26.04 -2.52 -12.37
C LEU B 93 25.50 -3.35 -13.57
N THR B 94 26.42 -3.69 -14.49
CA THR B 94 26.03 -4.23 -15.77
C THR B 94 26.10 -5.74 -15.94
N ALA B 95 26.64 -6.41 -14.93
CA ALA B 95 26.88 -7.82 -15.11
C ALA B 95 25.56 -8.61 -15.15
N LYS B 96 25.59 -9.69 -15.91
CA LYS B 96 24.34 -10.32 -16.30
C LYS B 96 23.56 -10.95 -15.16
N GLN B 97 24.21 -11.34 -14.07
CA GLN B 97 23.45 -12.00 -12.98
C GLN B 97 22.41 -11.06 -12.31
N TRP B 98 22.54 -9.74 -12.55
CA TRP B 98 21.71 -8.73 -11.90
C TRP B 98 20.35 -8.65 -12.63
N ASN B 99 20.26 -9.25 -13.82
CA ASN B 99 19.02 -9.26 -14.59
C ASN B 99 17.84 -9.83 -13.74
N GLY B 100 16.83 -9.02 -13.53
CA GLY B 100 15.69 -9.47 -12.74
C GLY B 100 15.81 -9.34 -11.22
N ILE B 101 16.93 -8.85 -10.69
CA ILE B 101 17.01 -8.58 -9.24
C ILE B 101 16.54 -7.16 -8.96
N THR B 102 15.48 -7.02 -8.19
CA THR B 102 14.79 -5.73 -8.04
C THR B 102 15.10 -5.12 -6.72
N LEU B 103 14.67 -3.90 -6.47
CA LEU B 103 14.75 -3.28 -5.15
C LEU B 103 14.04 -4.05 -4.10
N LEU B 104 12.89 -4.64 -4.43
CA LEU B 104 12.22 -5.52 -3.51
C LEU B 104 13.18 -6.63 -3.02
N HIS B 105 13.88 -7.26 -3.95
CA HIS B 105 14.73 -8.40 -3.57
C HIS B 105 15.84 -7.92 -2.64
N LEU B 106 16.45 -6.78 -2.95
CA LEU B 106 17.50 -6.21 -2.01
C LEU B 106 16.93 -5.90 -0.62
N ALA B 107 15.75 -5.26 -0.58
CA ALA B 107 15.16 -4.83 0.66
C ALA B 107 14.78 -5.99 1.57
N THR B 108 14.49 -7.17 1.00
CA THR B 108 13.93 -8.27 1.74
C THR B 108 14.85 -9.51 1.78
N TYR B 109 16.11 -9.35 1.39
CA TYR B 109 17.18 -10.40 1.47
C TYR B 109 16.82 -11.55 0.52
N THR B 110 16.09 -11.30 -0.58
CA THR B 110 15.65 -12.37 -1.45
C THR B 110 16.28 -12.27 -2.84
N ALA B 111 17.39 -11.52 -2.94
CA ALA B 111 18.11 -11.45 -4.23
C ALA B 111 18.71 -12.77 -4.74
N GLY B 112 18.98 -13.75 -3.85
CA GLY B 112 19.58 -15.00 -4.24
C GLY B 112 20.90 -15.25 -3.59
N GLY B 113 21.01 -14.85 -2.33
CA GLY B 113 22.23 -15.20 -1.56
C GLY B 113 23.33 -14.17 -1.55
N LEU B 114 22.96 -12.90 -1.59
CA LEU B 114 23.94 -11.87 -1.23
C LEU B 114 24.43 -12.16 0.21
N PRO B 115 25.72 -11.88 0.50
CA PRO B 115 26.28 -12.49 1.78
C PRO B 115 25.91 -11.67 2.98
N LEU B 116 25.83 -12.37 4.13
CA LEU B 116 25.59 -11.72 5.44
C LEU B 116 26.39 -10.39 5.60
N GLN B 117 27.72 -10.43 5.36
CA GLN B 117 28.52 -9.22 5.45
C GLN B 117 29.10 -8.87 4.11
N VAL B 118 29.26 -7.58 3.92
CA VAL B 118 30.15 -7.14 2.85
C VAL B 118 31.54 -7.51 3.29
N PRO B 119 32.34 -8.18 2.42
CA PRO B 119 33.69 -8.45 2.92
C PRO B 119 34.47 -7.21 3.51
N ASP B 120 35.27 -7.47 4.55
CA ASP B 120 35.94 -6.43 5.29
C ASP B 120 36.86 -5.60 4.38
N GLU B 121 37.47 -6.22 3.38
CA GLU B 121 38.42 -5.51 2.52
C GLU B 121 37.76 -4.52 1.55
N VAL B 122 36.45 -4.64 1.37
CA VAL B 122 35.69 -3.74 0.52
C VAL B 122 35.51 -2.39 1.27
N LYS B 123 36.15 -1.37 0.76
CA LYS B 123 36.17 -0.07 1.42
C LYS B 123 35.47 0.93 0.52
N SER B 124 36.14 1.24 -0.59
CA SER B 124 35.78 2.32 -1.50
C SER B 124 34.62 1.97 -2.42
N SER B 125 34.12 3.00 -3.08
CA SER B 125 33.04 2.87 -4.06
C SER B 125 33.33 1.88 -5.20
N SER B 126 34.52 2.03 -5.73
CA SER B 126 35.13 1.17 -6.72
C SER B 126 35.22 -0.33 -6.24
N ASP B 127 35.65 -0.51 -4.98
CA ASP B 127 35.67 -1.85 -4.37
C ASP B 127 34.27 -2.42 -4.31
N LEU B 128 33.30 -1.60 -3.94
CA LEU B 128 31.93 -2.06 -3.74
C LEU B 128 31.27 -2.43 -5.07
N LEU B 129 31.52 -1.62 -6.12
CA LEU B 129 31.01 -1.98 -7.45
C LEU B 129 31.64 -3.32 -7.89
N ARG B 130 32.93 -3.55 -7.64
CA ARG B 130 33.61 -4.77 -8.12
C ARG B 130 33.02 -5.97 -7.38
N PHE B 131 32.78 -5.79 -6.09
CA PHE B 131 32.21 -6.84 -5.23
C PHE B 131 30.85 -7.29 -5.80
N TYR B 132 29.93 -6.35 -6.02
CA TYR B 132 28.62 -6.68 -6.62
C TYR B 132 28.68 -7.22 -8.08
N GLN B 133 29.58 -6.69 -8.91
CA GLN B 133 29.75 -7.14 -10.30
C GLN B 133 30.23 -8.54 -10.31
N ASN B 134 31.04 -8.89 -9.29
CA ASN B 134 31.60 -10.25 -9.21
C ASN B 134 30.78 -11.27 -8.39
N TRP B 135 29.80 -10.82 -7.63
CA TRP B 135 28.98 -11.74 -6.82
C TRP B 135 28.20 -12.68 -7.74
N GLN B 136 28.27 -13.98 -7.46
CA GLN B 136 27.45 -14.96 -8.18
C GLN B 136 26.40 -15.52 -7.23
N PRO B 137 25.12 -15.53 -7.65
CA PRO B 137 24.01 -15.99 -6.77
C PRO B 137 24.01 -17.48 -6.35
N ALA B 138 23.56 -17.76 -5.13
CA ALA B 138 23.38 -19.19 -4.70
C ALA B 138 22.03 -19.74 -5.22
N TRP B 139 21.07 -18.85 -5.48
CA TRP B 139 19.68 -19.21 -5.91
C TRP B 139 19.19 -18.13 -6.84
N ALA B 140 18.10 -18.44 -7.53
CA ALA B 140 17.45 -17.44 -8.36
C ALA B 140 16.78 -16.38 -7.50
N PRO B 141 16.51 -15.21 -8.11
CA PRO B 141 15.86 -14.14 -7.33
C PRO B 141 14.45 -14.54 -6.84
N GLY B 142 14.06 -14.02 -5.68
CA GLY B 142 12.73 -14.22 -5.14
C GLY B 142 12.39 -15.61 -4.74
N THR B 143 13.40 -16.41 -4.40
CA THR B 143 13.14 -17.84 -4.05
C THR B 143 13.56 -18.16 -2.64
N GLN B 144 14.66 -17.54 -2.16
CA GLN B 144 15.19 -17.85 -0.81
C GLN B 144 15.43 -16.58 -0.03
N ARG B 145 15.09 -16.57 1.24
CA ARG B 145 15.52 -15.42 2.08
C ARG B 145 16.82 -15.74 2.82
N LEU B 146 17.82 -14.90 2.67
CA LEU B 146 19.08 -15.08 3.43
C LEU B 146 19.44 -13.75 4.01
N TYR B 147 19.28 -13.59 5.33
CA TYR B 147 19.42 -12.29 5.99
C TYR B 147 20.81 -11.73 5.67
N ALA B 148 20.89 -10.47 5.25
CA ALA B 148 22.14 -9.99 4.66
C ALA B 148 22.28 -8.47 4.67
N ASN B 149 23.41 -8.01 5.21
CA ASN B 149 23.69 -6.59 5.19
C ASN B 149 24.00 -6.13 3.76
N SER B 150 24.62 -6.98 2.95
CA SER B 150 25.00 -6.59 1.58
C SER B 150 23.72 -6.46 0.72
N SER B 151 22.64 -7.00 1.25
CA SER B 151 21.31 -6.90 0.55
C SER B 151 20.64 -5.60 0.91
N ILE B 152 20.15 -5.50 2.15
CA ILE B 152 19.41 -4.31 2.53
C ILE B 152 20.29 -3.12 2.57
N GLY B 153 21.59 -3.30 2.84
CA GLY B 153 22.53 -2.16 2.79
C GLY B 153 22.49 -1.52 1.41
N LEU B 154 22.56 -2.37 0.37
CA LEU B 154 22.53 -1.82 -0.99
C LEU B 154 21.15 -1.20 -1.31
N PHE B 155 20.07 -1.79 -0.83
CA PHE B 155 18.73 -1.18 -1.01
C PHE B 155 18.75 0.23 -0.42
N GLY B 156 19.28 0.37 0.82
CA GLY B 156 19.29 1.73 1.40
C GLY B 156 20.06 2.76 0.57
N ALA B 157 21.26 2.36 0.12
CA ALA B 157 22.11 3.26 -0.69
C ALA B 157 21.43 3.68 -1.99
N LEU B 158 20.84 2.73 -2.67
CA LEU B 158 20.08 3.00 -3.93
C LEU B 158 18.82 3.76 -3.72
N ALA B 159 18.11 3.48 -2.62
CA ALA B 159 16.78 4.13 -2.39
C ALA B 159 16.90 5.65 -2.36
N VAL B 160 18.05 6.17 -1.90
CA VAL B 160 18.23 7.62 -1.80
C VAL B 160 18.87 8.28 -3.05
N LYS B 161 19.27 7.50 -4.05
CA LYS B 161 19.99 8.06 -5.23
C LYS B 161 19.15 9.09 -6.01
N PRO B 162 17.87 8.79 -6.29
CA PRO B 162 17.03 9.79 -7.01
C PRO B 162 16.98 11.14 -6.27
N SER B 163 17.01 11.15 -4.92
CA SER B 163 16.91 12.40 -4.12
C SER B 163 18.13 13.27 -4.25
N GLY B 164 19.26 12.63 -4.53
CA GLY B 164 20.58 13.24 -4.67
C GLY B 164 21.21 13.48 -3.31
N LEU B 165 20.46 13.18 -2.22
CA LEU B 165 20.98 13.43 -0.88
C LEU B 165 21.88 12.26 -0.47
N SER B 166 22.87 12.48 0.39
CA SER B 166 23.62 11.32 0.93
C SER B 166 22.64 10.51 1.75
N PHE B 167 23.00 9.26 2.03
CA PHE B 167 22.12 8.42 2.85
C PHE B 167 21.86 9.10 4.24
N GLU B 168 22.91 9.66 4.84
CA GLU B 168 22.83 10.28 6.15
C GLU B 168 21.91 11.53 6.16
N GLN B 169 22.05 12.38 5.15
CA GLN B 169 21.23 13.57 5.09
C GLN B 169 19.75 13.20 4.83
N ALA B 170 19.53 12.22 3.94
CA ALA B 170 18.18 11.68 3.67
C ALA B 170 17.58 11.21 4.96
N MET B 171 18.29 10.34 5.68
CA MET B 171 17.73 9.84 6.96
C MET B 171 17.43 10.97 7.97
N GLN B 172 18.39 11.87 8.16
CA GLN B 172 18.14 12.95 9.14
C GLN B 172 16.92 13.81 8.75
N THR B 173 16.87 14.23 7.48
CA THR B 173 15.93 15.27 7.13
C THR B 173 14.51 14.60 6.90
N ARG B 174 14.48 13.32 6.56
CA ARG B 174 13.23 12.75 6.12
C ARG B 174 12.67 11.83 7.20
N VAL B 175 13.50 11.38 8.15
CA VAL B 175 13.05 10.42 9.16
C VAL B 175 13.30 10.95 10.59
N PHE B 176 14.60 11.17 10.94
CA PHE B 176 14.94 11.59 12.31
C PHE B 176 14.28 12.91 12.67
N GLN B 177 14.40 13.92 11.81
CA GLN B 177 13.88 15.21 12.15
C GLN B 177 12.33 15.33 12.25
N PRO B 178 11.58 14.86 11.25
CA PRO B 178 10.12 14.91 11.37
C PRO B 178 9.56 14.19 12.62
N LEU B 179 10.24 13.16 13.09
CA LEU B 179 9.81 12.39 14.24
C LEU B 179 10.47 12.92 15.49
N LYS B 180 11.21 14.03 15.37
CA LYS B 180 11.84 14.66 16.51
C LYS B 180 12.75 13.70 17.29
N LEU B 181 13.47 12.84 16.55
CA LEU B 181 14.53 11.98 17.14
C LEU B 181 15.80 12.84 17.22
N ASN B 182 15.85 13.64 18.28
CA ASN B 182 16.85 14.74 18.43
C ASN B 182 18.18 14.32 19.03
N HIS B 183 18.28 13.03 19.33
CA HIS B 183 19.48 12.46 19.99
C HIS B 183 19.80 11.10 19.30
N THR B 184 19.50 11.05 18.01
CA THR B 184 19.68 9.86 17.17
C THR B 184 20.60 10.23 16.01
N TRP B 185 21.63 9.42 15.78
CA TRP B 185 22.68 9.75 14.85
C TRP B 185 23.21 8.54 14.11
N ILE B 186 23.57 8.74 12.84
CA ILE B 186 24.42 7.76 12.13
C ILE B 186 25.94 7.96 12.45
N ASN B 187 26.35 9.21 12.51
CA ASN B 187 27.64 9.62 13.01
C ASN B 187 27.45 10.51 14.25
N VAL B 188 27.95 10.07 15.39
CA VAL B 188 27.72 10.74 16.67
C VAL B 188 28.60 11.96 16.69
N PRO B 189 28.00 13.17 16.83
CA PRO B 189 28.85 14.37 16.78
C PRO B 189 29.57 14.58 18.11
N PRO B 190 30.59 15.45 18.13
CA PRO B 190 31.37 15.70 19.37
C PRO B 190 30.50 16.01 20.61
N ALA B 191 29.46 16.82 20.42
CA ALA B 191 28.65 17.24 21.54
C ALA B 191 27.93 16.08 22.21
N GLU B 192 27.77 14.96 21.50
CA GLU B 192 27.12 13.79 22.07
C GLU B 192 28.07 12.69 22.57
N GLU B 193 29.39 12.86 22.39
CA GLU B 193 30.30 11.81 22.82
C GLU B 193 30.10 11.49 24.28
N LYS B 194 29.85 12.52 25.09
CA LYS B 194 29.75 12.36 26.54
C LYS B 194 28.55 11.49 26.95
N ASN B 195 27.58 11.34 26.07
CA ASN B 195 26.38 10.48 26.23
C ASN B 195 26.48 9.14 25.51
N TYR B 196 27.49 8.98 24.68
CA TYR B 196 27.62 7.79 23.85
C TYR B 196 28.20 6.67 24.72
N ALA B 197 27.35 5.67 25.02
CA ALA B 197 27.80 4.55 25.85
C ALA B 197 28.95 3.77 25.17
N TRP B 198 29.91 3.26 25.97
CA TRP B 198 30.79 2.26 25.43
C TRP B 198 30.08 0.93 25.37
N GLY B 199 30.38 0.13 24.35
CA GLY B 199 29.90 -1.26 24.32
C GLY B 199 30.94 -2.13 25.01
N TYR B 200 30.55 -3.29 25.52
CA TYR B 200 31.55 -4.12 26.19
C TYR B 200 31.58 -5.51 25.63
N ARG B 201 32.74 -5.91 25.12
CA ARG B 201 32.92 -7.18 24.43
C ARG B 201 34.09 -7.92 25.05
N GLU B 202 33.78 -9.05 25.68
CA GLU B 202 34.67 -9.69 26.68
C GLU B 202 35.45 -8.71 27.54
N GLY B 203 34.69 -7.81 28.17
CA GLY B 203 35.19 -6.87 29.14
C GLY B 203 35.87 -5.64 28.58
N LYS B 204 36.27 -5.69 27.29
CA LYS B 204 36.83 -4.56 26.53
C LYS B 204 35.74 -3.56 26.02
N ALA B 205 35.92 -2.29 26.35
CA ALA B 205 35.12 -1.16 25.85
C ALA B 205 35.32 -0.98 24.31
N VAL B 206 34.27 -1.15 23.52
CA VAL B 206 34.39 -1.10 22.05
C VAL B 206 33.23 -0.26 21.44
N HIS B 207 33.51 0.43 20.33
CA HIS B 207 32.43 0.99 19.50
C HIS B 207 32.54 0.33 18.16
N VAL B 208 31.45 0.31 17.40
CA VAL B 208 31.45 -0.27 16.05
C VAL B 208 32.50 0.37 15.09
N SER B 209 33.12 -0.47 14.28
CA SER B 209 34.11 -0.06 13.29
C SER B 209 33.48 0.49 12.02
N PRO B 210 34.10 1.53 11.40
CA PRO B 210 33.61 1.79 10.04
C PRO B 210 33.62 0.55 9.08
N GLY B 211 32.68 0.48 8.13
CA GLY B 211 32.69 -0.60 7.16
C GLY B 211 31.75 -0.21 6.03
N ALA B 212 31.82 -0.93 4.93
CA ALA B 212 31.05 -0.60 3.71
C ALA B 212 29.60 -0.75 4.09
N LEU B 213 28.78 0.24 3.70
CA LEU B 213 27.32 0.17 3.89
C LEU B 213 26.96 0.08 5.36
N ASP B 214 27.88 0.49 6.23
CA ASP B 214 27.56 0.50 7.64
C ASP B 214 26.36 1.35 8.00
N ALA B 215 26.29 2.59 7.50
CA ALA B 215 25.16 3.51 7.83
C ALA B 215 23.85 2.80 7.51
N GLU B 216 23.78 2.21 6.32
CA GLU B 216 22.56 1.61 5.78
C GLU B 216 22.12 0.31 6.46
N ALA B 217 23.07 -0.47 6.98
CA ALA B 217 22.75 -1.79 7.49
C ALA B 217 22.76 -1.87 9.02
N TYR B 218 23.68 -1.16 9.67
CA TYR B 218 23.81 -1.29 11.12
C TYR B 218 24.31 0.03 11.81
N GLY B 219 24.13 1.17 11.15
CA GLY B 219 24.82 2.36 11.59
C GLY B 219 24.20 3.30 12.60
N VAL B 220 22.97 3.04 13.11
CA VAL B 220 22.27 4.06 13.93
C VAL B 220 22.56 3.88 15.39
N LYS B 221 22.81 5.01 16.07
CA LYS B 221 22.93 5.13 17.56
C LYS B 221 21.79 5.98 18.09
N SER B 222 21.14 5.53 19.15
CA SER B 222 19.94 6.24 19.61
C SER B 222 19.78 6.06 21.14
N THR B 223 19.00 6.96 21.72
CA THR B 223 18.71 6.98 23.17
C THR B 223 17.42 6.20 23.45
N ILE B 224 17.14 5.95 24.74
CA ILE B 224 15.95 5.15 25.00
C ILE B 224 14.67 5.97 24.71
N GLU B 225 14.77 7.29 24.87
CA GLU B 225 13.63 8.23 24.60
C GLU B 225 13.35 8.28 23.12
N ASP B 226 14.38 8.53 22.31
CA ASP B 226 14.20 8.46 20.85
C ASP B 226 13.66 7.13 20.37
N MET B 227 14.18 6.01 20.90
CA MET B 227 13.66 4.70 20.51
C MET B 227 12.20 4.55 21.00
N ALA B 228 11.86 5.03 22.19
CA ALA B 228 10.41 4.95 22.57
C ALA B 228 9.57 5.68 21.47
N ARG B 229 10.04 6.83 21.01
CA ARG B 229 9.29 7.65 20.02
C ARG B 229 9.21 6.95 18.65
N TRP B 230 10.29 6.27 18.30
CA TRP B 230 10.34 5.48 17.09
C TRP B 230 9.29 4.34 17.21
N VAL B 231 9.15 3.73 18.38
CA VAL B 231 8.12 2.70 18.49
C VAL B 231 6.71 3.31 18.34
N GLN B 232 6.52 4.46 18.99
CA GLN B 232 5.22 5.16 18.94
C GLN B 232 4.87 5.49 17.51
N SER B 233 5.89 5.88 16.76
CA SER B 233 5.68 6.25 15.36
C SER B 233 5.33 5.09 14.50
N ASN B 234 5.90 3.92 14.76
CA ASN B 234 5.58 2.71 14.03
C ASN B 234 4.31 2.01 14.55
N LEU B 235 3.95 2.18 15.83
CA LEU B 235 2.64 1.81 16.34
C LEU B 235 1.44 2.53 15.66
N LYS B 236 1.55 3.84 15.47
CA LYS B 236 0.43 4.70 15.10
C LYS B 236 0.93 5.59 14.00
N PRO B 237 1.17 5.06 12.81
CA PRO B 237 1.67 5.97 11.78
C PRO B 237 0.67 7.10 11.44
N LEU B 238 -0.61 6.89 11.72
CA LEU B 238 -1.58 7.88 11.27
C LEU B 238 -1.44 9.15 12.08
N ASP B 239 -0.68 9.09 13.19
CA ASP B 239 -0.47 10.29 13.98
C ASP B 239 0.61 11.16 13.33
N ILE B 240 1.32 10.62 12.32
CA ILE B 240 2.43 11.34 11.65
C ILE B 240 1.98 12.36 10.56
N ASN B 241 2.35 13.65 10.74
CA ASN B 241 1.94 14.80 9.88
C ASN B 241 2.48 14.74 8.47
N GLU B 242 3.68 14.17 8.27
CA GLU B 242 4.38 14.17 6.93
C GLU B 242 3.84 12.99 6.14
N LYS B 243 3.09 13.30 5.08
CA LYS B 243 2.33 12.28 4.29
C LYS B 243 3.19 11.12 3.77
N THR B 244 4.36 11.42 3.17
CA THR B 244 5.24 10.36 2.71
C THR B 244 5.89 9.51 3.80
N LEU B 245 6.16 10.10 4.97
CA LEU B 245 6.75 9.34 6.06
C LEU B 245 5.70 8.42 6.66
N GLN B 246 4.49 8.93 6.80
CA GLN B 246 3.37 8.14 7.30
C GLN B 246 3.20 6.93 6.39
N GLN B 247 3.16 7.16 5.07
CA GLN B 247 3.01 6.11 4.09
C GLN B 247 4.21 5.16 4.14
N GLY B 248 5.41 5.72 4.30
CA GLY B 248 6.63 4.88 4.35
C GLY B 248 6.65 3.87 5.50
N ILE B 249 6.18 4.34 6.65
CA ILE B 249 6.06 3.47 7.81
C ILE B 249 5.03 2.35 7.53
N GLN B 250 3.92 2.70 6.92
CA GLN B 250 2.93 1.68 6.54
C GLN B 250 3.56 0.70 5.54
N LEU B 251 4.36 1.18 4.57
CA LEU B 251 4.89 0.26 3.55
C LEU B 251 5.91 -0.73 4.19
N ALA B 252 6.60 -0.26 5.24
CA ALA B 252 7.66 -1.08 5.82
C ALA B 252 7.08 -2.20 6.69
N GLN B 253 5.77 -2.12 7.00
CA GLN B 253 5.07 -3.22 7.68
C GLN B 253 4.14 -3.97 6.76
N SER B 254 4.22 -3.69 5.44
CA SER B 254 3.50 -4.59 4.53
C SER B 254 4.19 -5.96 4.54
N ARG B 255 3.42 -7.01 4.28
CA ARG B 255 3.96 -8.39 4.28
C ARG B 255 4.29 -8.81 2.85
N TYR B 256 5.58 -8.90 2.53
CA TYR B 256 6.02 -9.10 1.15
C TYR B 256 6.31 -10.58 0.86
N TRP B 257 6.76 -11.30 1.92
CA TRP B 257 7.13 -12.74 1.87
C TRP B 257 6.79 -13.41 3.15
N GLN B 258 6.45 -14.70 3.06
CA GLN B 258 6.25 -15.48 4.26
C GLN B 258 7.30 -16.61 4.28
N THR B 259 7.91 -16.81 5.46
CA THR B 259 8.60 -18.07 5.75
C THR B 259 8.12 -18.54 7.13
N GLY B 260 7.64 -19.79 7.21
CA GLY B 260 7.02 -20.30 8.40
C GLY B 260 5.91 -19.35 8.81
N ASP B 261 5.99 -18.92 10.06
CA ASP B 261 4.96 -18.12 10.63
C ASP B 261 5.41 -16.64 10.64
N MET B 262 6.48 -16.31 9.91
CA MET B 262 6.92 -14.96 9.85
C MET B 262 6.78 -14.31 8.46
N TYR B 263 6.61 -13.01 8.50
CA TYR B 263 6.47 -12.20 7.27
C TYR B 263 7.54 -11.15 7.23
N GLN B 264 8.12 -10.95 6.04
CA GLN B 264 9.23 -10.01 5.91
C GLN B 264 8.66 -8.69 5.44
N GLY B 265 8.91 -7.65 6.20
CA GLY B 265 8.52 -6.23 5.84
C GLY B 265 9.77 -5.56 5.29
N LEU B 266 9.83 -4.22 5.33
CA LEU B 266 11.05 -3.52 4.92
C LEU B 266 11.77 -3.25 6.22
N GLY B 267 12.78 -4.07 6.55
CA GLY B 267 13.47 -3.94 7.88
C GLY B 267 12.73 -4.65 9.00
N TRP B 268 11.50 -4.23 9.28
CA TRP B 268 10.65 -4.95 10.21
C TRP B 268 10.35 -6.40 9.77
N GLU B 269 10.16 -7.30 10.77
CA GLU B 269 9.59 -8.62 10.56
C GLU B 269 8.37 -8.74 11.43
N MET B 270 7.35 -9.46 10.96
CA MET B 270 6.05 -9.46 11.60
C MET B 270 5.55 -10.87 11.72
N LEU B 271 4.77 -11.12 12.77
CA LEU B 271 4.05 -12.39 12.90
C LEU B 271 2.62 -12.00 13.28
N ASP B 272 1.64 -12.84 13.00
CA ASP B 272 0.30 -12.61 13.55
C ASP B 272 0.27 -12.67 15.06
N TRP B 273 -0.47 -11.74 15.67
CA TRP B 273 -0.75 -11.78 17.10
C TRP B 273 -2.08 -12.53 17.30
N PRO B 274 -2.17 -13.46 18.28
CA PRO B 274 -1.20 -13.90 19.27
C PRO B 274 -0.14 -14.77 18.60
N VAL B 275 1.11 -14.66 19.06
CA VAL B 275 2.20 -15.56 18.53
C VAL B 275 2.44 -16.72 19.50
N ASN B 276 3.15 -17.75 19.06
CA ASN B 276 3.64 -18.72 20.03
C ASN B 276 5.01 -18.22 20.49
N PRO B 277 5.16 -17.90 21.76
CA PRO B 277 6.43 -17.34 22.21
C PRO B 277 7.64 -18.23 21.86
N ASP B 278 7.46 -19.56 21.88
CA ASP B 278 8.60 -20.44 21.52
C ASP B 278 9.05 -20.19 20.11
N SER B 279 8.10 -19.88 19.23
CA SER B 279 8.45 -19.65 17.83
C SER B 279 9.36 -18.43 17.62
N ILE B 280 9.01 -17.30 18.25
CA ILE B 280 9.80 -16.06 18.13
C ILE B 280 11.06 -16.13 18.94
N ILE B 281 11.02 -16.82 20.07
CA ILE B 281 12.20 -16.96 20.94
C ILE B 281 13.23 -17.86 20.23
N ASN B 282 12.82 -19.09 19.88
CA ASN B 282 13.78 -20.00 19.24
C ASN B 282 14.13 -19.48 17.86
N GLY B 283 13.20 -18.79 17.23
CA GLY B 283 13.42 -18.27 15.87
C GLY B 283 14.49 -17.22 15.81
N SER B 284 14.71 -16.55 16.94
CA SER B 284 15.62 -15.40 16.99
C SER B 284 17.06 -15.85 17.14
N ASP B 285 17.27 -17.12 17.47
CA ASP B 285 18.62 -17.68 17.58
C ASP B 285 19.19 -17.61 16.19
N ASN B 286 20.45 -17.13 16.11
CA ASN B 286 21.10 -16.98 14.77
C ASN B 286 21.20 -18.24 13.89
N LYS B 287 21.18 -19.44 14.45
CA LYS B 287 21.28 -20.65 13.59
C LYS B 287 20.03 -20.81 12.74
N ILE B 288 18.93 -20.20 13.19
CA ILE B 288 17.68 -20.12 12.41
C ILE B 288 17.60 -18.78 11.69
N ALA B 289 17.77 -17.68 12.43
CA ALA B 289 17.57 -16.35 11.86
C ALA B 289 18.52 -15.97 10.71
N LEU B 290 19.75 -16.49 10.73
CA LEU B 290 20.66 -16.26 9.62
C LEU B 290 20.68 -17.32 8.53
N ALA B 291 19.89 -18.39 8.65
CA ALA B 291 19.92 -19.49 7.68
C ALA B 291 19.03 -19.20 6.50
N ALA B 292 19.40 -19.69 5.30
CA ALA B 292 18.50 -19.55 4.14
C ALA B 292 17.19 -20.29 4.38
N ARG B 293 16.05 -19.70 3.95
CA ARG B 293 14.75 -20.32 4.10
C ARG B 293 13.94 -19.97 2.83
N PRO B 294 13.20 -20.94 2.28
CA PRO B 294 12.35 -20.62 1.12
C PRO B 294 11.29 -19.58 1.49
N VAL B 295 10.95 -18.72 0.55
CA VAL B 295 9.93 -17.70 0.80
C VAL B 295 8.79 -17.94 -0.17
N LYS B 296 7.58 -17.63 0.29
CA LYS B 296 6.38 -17.61 -0.63
C LYS B 296 6.05 -16.15 -0.85
N ALA B 297 5.90 -15.74 -2.10
CA ALA B 297 5.59 -14.32 -2.42
C ALA B 297 4.15 -14.09 -1.96
N ILE B 298 3.90 -12.90 -1.45
CA ILE B 298 2.58 -12.54 -1.05
C ILE B 298 2.17 -11.53 -2.11
N THR B 299 1.31 -11.99 -3.02
CA THR B 299 1.07 -11.30 -4.32
C THR B 299 -0.37 -10.84 -4.37
N PRO B 300 -0.68 -9.57 -4.09
CA PRO B 300 0.17 -8.45 -3.74
C PRO B 300 0.47 -8.46 -2.23
N PRO B 301 1.41 -7.65 -1.77
CA PRO B 301 1.79 -7.64 -0.35
C PRO B 301 0.60 -7.24 0.51
N THR B 302 0.38 -7.89 1.64
CA THR B 302 -0.69 -7.52 2.56
C THR B 302 -0.32 -6.24 3.28
N PRO B 303 -1.26 -5.25 3.29
CA PRO B 303 -0.96 -4.04 4.04
C PRO B 303 -0.77 -4.37 5.51
N ALA B 304 -0.03 -3.52 6.20
CA ALA B 304 0.23 -3.59 7.68
C ALA B 304 -0.96 -4.11 8.45
N VAL B 305 -0.76 -5.25 9.07
CA VAL B 305 -1.77 -5.92 9.87
C VAL B 305 -1.63 -5.46 11.30
N ARG B 306 -2.72 -4.87 11.78
CA ARG B 306 -2.73 -4.28 13.12
C ARG B 306 -2.40 -5.34 14.19
N ALA B 307 -3.08 -6.48 14.12
CA ALA B 307 -2.85 -7.55 15.06
C ALA B 307 -1.58 -8.38 14.67
N SER B 308 -0.46 -7.71 14.88
CA SER B 308 0.87 -8.28 14.61
C SER B 308 1.76 -8.11 15.78
N TRP B 309 2.63 -9.10 16.00
CA TRP B 309 3.89 -8.86 16.67
C TRP B 309 4.91 -8.35 15.66
N VAL B 310 5.34 -7.07 15.77
CA VAL B 310 6.31 -6.52 14.85
C VAL B 310 7.59 -6.36 15.62
N HIS B 311 8.69 -6.84 15.04
CA HIS B 311 9.94 -6.80 15.84
C HIS B 311 11.23 -6.74 15.05
N LYS B 312 12.33 -6.50 15.77
CA LYS B 312 13.62 -6.66 15.12
C LYS B 312 14.69 -6.76 16.25
N THR B 313 15.55 -7.76 16.17
CA THR B 313 16.82 -7.83 16.98
C THR B 313 17.96 -7.02 16.31
N GLY B 314 18.94 -6.59 17.13
CA GLY B 314 20.08 -5.92 16.54
C GLY B 314 21.28 -6.00 17.46
N ALA B 315 22.47 -6.18 16.89
CA ALA B 315 23.64 -6.28 17.75
C ALA B 315 24.81 -5.55 17.15
N THR B 316 25.76 -5.16 17.96
CA THR B 316 27.10 -4.90 17.37
C THR B 316 28.05 -5.60 18.28
N GLY B 317 29.36 -5.48 18.06
CA GLY B 317 30.30 -6.11 18.95
C GLY B 317 30.10 -5.81 20.44
N GLY B 318 29.80 -4.57 20.78
CA GLY B 318 29.57 -4.28 22.17
C GLY B 318 28.13 -4.14 22.62
N PHE B 319 27.13 -4.26 21.72
CA PHE B 319 25.75 -3.91 22.12
C PHE B 319 24.70 -4.95 21.67
N GLY B 320 23.61 -5.01 22.44
CA GLY B 320 22.46 -5.81 22.09
C GLY B 320 21.18 -5.03 22.25
N SER B 321 20.36 -5.03 21.21
CA SER B 321 19.13 -4.29 21.22
C SER B 321 17.94 -5.12 20.68
N TYR B 322 16.74 -4.76 21.11
CA TYR B 322 15.53 -5.45 20.63
C TYR B 322 14.37 -4.46 20.70
N VAL B 323 13.48 -4.54 19.72
CA VAL B 323 12.32 -3.63 19.68
C VAL B 323 11.18 -4.54 19.28
N ALA B 324 10.09 -4.56 20.02
CA ALA B 324 8.87 -5.33 19.61
C ALA B 324 7.61 -4.53 19.94
N PHE B 325 6.56 -4.64 19.08
CA PHE B 325 5.36 -3.88 19.38
C PHE B 325 4.17 -4.52 18.71
N ILE B 326 3.01 -4.27 19.27
CA ILE B 326 1.74 -4.82 18.74
C ILE B 326 0.77 -3.65 18.41
N PRO B 327 0.60 -3.28 17.12
CA PRO B 327 -0.12 -2.01 16.87
C PRO B 327 -1.52 -2.00 17.44
N GLU B 328 -2.26 -3.10 17.20
CA GLU B 328 -3.63 -3.30 17.73
C GLU B 328 -3.75 -2.94 19.25
N LYS B 329 -2.70 -3.20 20.05
CA LYS B 329 -2.76 -2.95 21.49
C LYS B 329 -2.08 -1.67 21.98
N GLU B 330 -1.51 -0.91 21.06
CA GLU B 330 -0.79 0.33 21.35
C GLU B 330 0.29 -0.05 22.40
N LEU B 331 0.88 -1.23 22.19
CA LEU B 331 1.81 -1.78 23.19
C LEU B 331 3.16 -2.06 22.58
N GLY B 332 4.24 -1.63 23.25
CA GLY B 332 5.58 -2.00 22.74
C GLY B 332 6.65 -1.96 23.79
N ILE B 333 7.85 -2.36 23.34
CA ILE B 333 9.04 -2.37 24.17
C ILE B 333 10.31 -2.14 23.37
N VAL B 334 11.27 -1.46 24.02
CA VAL B 334 12.61 -1.27 23.47
C VAL B 334 13.57 -1.68 24.58
N MET B 335 14.53 -2.52 24.25
CA MET B 335 15.53 -2.93 25.25
C MET B 335 16.88 -2.72 24.59
N LEU B 336 17.66 -1.87 25.23
CA LEU B 336 19.01 -1.46 24.75
C LEU B 336 20.03 -1.76 25.85
N ALA B 337 21.08 -2.47 25.45
CA ALA B 337 22.14 -2.89 26.36
C ALA B 337 23.50 -2.70 25.74
N ASN B 338 24.48 -2.34 26.58
CA ASN B 338 25.86 -2.23 26.08
C ASN B 338 26.64 -3.47 26.36
N LYS B 339 25.98 -4.60 26.09
CA LYS B 339 26.60 -5.91 25.81
C LYS B 339 25.78 -6.70 24.80
N ASN B 340 26.46 -7.43 23.93
CA ASN B 340 25.80 -8.31 22.97
C ASN B 340 25.48 -9.66 23.57
N TYR B 341 24.27 -9.83 24.07
CA TYR B 341 23.88 -11.08 24.73
C TYR B 341 22.82 -11.78 23.87
N PRO B 342 22.63 -13.11 24.04
CA PRO B 342 21.96 -13.88 22.94
C PRO B 342 20.52 -13.42 22.60
N ASN B 343 20.14 -13.43 21.32
CA ASN B 343 18.82 -12.97 20.95
C ASN B 343 17.67 -13.63 21.76
N PRO B 344 17.71 -14.96 21.95
CA PRO B 344 16.54 -15.56 22.59
C PRO B 344 16.33 -14.99 24.00
N ALA B 345 17.39 -14.63 24.72
CA ALA B 345 17.16 -14.03 26.02
C ALA B 345 16.42 -12.69 25.93
N ARG B 346 16.75 -11.88 24.91
CA ARG B 346 16.00 -10.65 24.63
C ARG B 346 14.50 -10.89 24.38
N VAL B 347 14.21 -11.80 23.47
CA VAL B 347 12.84 -12.06 22.98
C VAL B 347 12.04 -12.58 24.14
N ASP B 348 12.64 -13.49 24.90
CA ASP B 348 11.92 -14.13 25.99
C ASP B 348 11.52 -13.08 27.03
N ALA B 349 12.46 -12.19 27.35
CA ALA B 349 12.16 -11.15 28.36
C ALA B 349 11.06 -10.19 27.81
N ALA B 350 11.15 -9.83 26.52
CA ALA B 350 10.20 -8.89 25.95
C ALA B 350 8.83 -9.53 25.93
N TRP B 351 8.76 -10.83 25.58
CA TRP B 351 7.51 -11.55 25.56
C TRP B 351 6.90 -11.59 26.98
N GLN B 352 7.69 -11.89 28.04
CA GLN B 352 7.10 -11.90 29.38
C GLN B 352 6.44 -10.59 29.70
N ILE B 353 7.10 -9.48 29.31
CA ILE B 353 6.59 -8.19 29.62
C ILE B 353 5.33 -7.86 28.82
N LEU B 354 5.42 -7.99 27.49
CA LEU B 354 4.25 -7.55 26.70
C LEU B 354 3.05 -8.45 26.97
N ASN B 355 3.30 -9.74 27.21
CA ASN B 355 2.21 -10.64 27.48
C ASN B 355 1.50 -10.37 28.77
N ALA B 356 2.22 -9.86 29.78
CA ALA B 356 1.61 -9.55 31.08
C ALA B 356 0.72 -8.34 30.95
N LEU B 357 1.04 -7.46 29.99
CA LEU B 357 0.41 -6.15 29.82
C LEU B 357 -0.71 -6.10 28.76
N GLN B 358 -0.74 -7.10 27.90
CA GLN B 358 -1.67 -7.15 26.78
C GLN B 358 -3.08 -7.35 27.35
CAI 1MU C . -25.17 -4.94 -19.40
CAK 1MU C . -26.23 -5.67 -18.88
CAT 1MU C . -27.34 -4.99 -18.36
CAQ 1MU C . -28.53 -5.71 -17.71
OAE 1MU C . -29.66 -5.41 -18.13
OAA 1MU C . -28.33 -6.52 -16.78
CAL 1MU C . -27.37 -3.60 -18.40
CAJ 1MU C . -26.33 -2.88 -18.94
CAS 1MU C . -25.24 -3.56 -19.44
CAN 1MU C . -24.13 -2.72 -20.03
CAM 1MU C . -23.44 -2.10 -18.80
NAO 1MU C . -22.11 -1.64 -19.18
SAW 1MU C . -21.04 -2.79 -18.86
OAC 1MU C . -21.68 -4.15 -18.98
OAD 1MU C . -20.50 -2.58 -17.48
CAU 1MU C . -19.84 -2.60 -20.07
CAH 1MU C . -19.49 -3.63 -20.86
CAG 1MU C . -18.54 -3.36 -21.77
SAP 1MU C . -18.12 -1.72 -21.62
CAV 1MU C . -19.16 -1.41 -20.38
CAR 1MU C . -19.27 -0.02 -19.80
OAF 1MU C . -18.56 0.87 -20.32
OAB 1MU C . -20.09 0.15 -18.87
P PO4 D . -29.61 -28.45 -9.85
O1 PO4 D . -30.27 -29.31 -8.76
O2 PO4 D . -30.79 -28.09 -10.78
O3 PO4 D . -29.15 -27.06 -9.40
O4 PO4 D . -28.52 -29.17 -10.60
CAI 1MU E . 28.67 -9.50 14.70
CAI 1MU E . 29.33 -4.87 12.42
CAK 1MU E . 29.81 -9.94 15.37
CAK 1MU E . 30.70 -4.90 12.47
CAT 1MU E . 29.98 -9.67 16.72
CAT 1MU E . 31.36 -4.77 13.69
CAQ 1MU E . 31.24 -10.17 17.44
CAQ 1MU E . 32.86 -4.81 13.74
OAE 1MU E . 32.04 -10.89 16.80
OAE 1MU E . 33.47 -3.73 13.90
OAA 1MU E . 31.40 -9.85 18.63
OAA 1MU E . 33.37 -5.94 13.61
CAL 1MU E . 29.01 -8.97 17.42
CAL 1MU E . 30.68 -4.60 14.87
CAJ 1MU E . 27.87 -8.53 16.75
CAJ 1MU E . 29.32 -4.58 14.83
CAS 1MU E . 27.70 -8.79 15.39
CAS 1MU E . 28.65 -4.70 13.62
CAN 1MU E . 26.45 -8.32 14.67
CAN 1MU E . 27.13 -4.68 13.61
CAM 1MU E . 26.74 -7.08 13.82
CAM 1MU E . 26.60 -6.13 13.71
NAO 1MU E . 25.48 -6.37 13.54
NAO 1MU E . 25.16 -6.10 13.48
SAW 1MU E . 24.85 -6.84 12.08
SAW 1MU E . 24.75 -6.70 12.03
OAC 1MU E . 25.95 -6.85 11.06
OAC 1MU E . 25.92 -6.64 11.13
OAD 1MU E . 23.78 -5.89 11.67
OAD 1MU E . 23.65 -5.90 11.48
CAU 1MU E . 24.16 -8.43 12.22
CAU 1MU E . 24.22 -8.33 12.23
CAH 1MU E . 24.53 -9.45 11.41
CAH 1MU E . 24.65 -9.33 11.46
CAG 1MU E . 23.90 -10.61 11.65
CAG 1MU E . 24.14 -10.53 11.75
SAP 1MU E . 22.83 -10.39 12.94
SAP 1MU E . 23.06 -10.36 13.03
CAV 1MU E . 23.21 -8.77 13.18
CAV 1MU E . 23.30 -8.72 13.20
CAR 1MU E . 22.57 -7.88 14.26
CAR 1MU E . 22.59 -7.87 14.25
OAF 1MU E . 22.77 -6.65 14.23
OAF 1MU E . 22.71 -6.64 14.26
OAB 1MU E . 21.89 -8.46 15.13
OAB 1MU E . 21.86 -8.49 15.03
#